data_9LWP
#
_entry.id   9LWP
#
_cell.length_a   1.00
_cell.length_b   1.00
_cell.length_c   1.00
_cell.angle_alpha   90.00
_cell.angle_beta   90.00
_cell.angle_gamma   90.00
#
_symmetry.space_group_name_H-M   'P 1'
#
loop_
_entity.id
_entity.type
_entity.pdbx_description
1 polymer 'Bombesin receptor subtype-3,Oplophorus-luciferin 2-monooxygenase catalytic subunit'
2 polymer 'Guanine nucleotide-binding protein G(i) subunit alpha-2,Guanine nucleotide-binding protein G(s) subunit alpha isoforms short'
3 polymer 'Guanine nucleotide-binding protein G(I)/G(S)/G(T) subunit beta-1'
4 polymer 'Guanine nucleotide-binding protein G(I)/G(S)/G(O) subunit gamma-2'
#
loop_
_entity_poly.entity_id
_entity_poly.type
_entity_poly.pdbx_seq_one_letter_code
_entity_poly.pdbx_strand_id
1 'polypeptide(L)'
;MKTIIALSYIFCLVFAMAQRQPHSPNQTLISITNDTESSSSVVSNDNTNKGWSGDNSPGIEALCAIYITYAVIISVGILG
NAILIKVFFKTKSMQTVPNIFITSLAFGDLLLLLTCVPVDATHYLAEGWLFGRIGCKVLSFIRLTSVGVSVFTLTILSAD
RYKAVVKPLERQPSNAILKTCVKAGCVWIVSMIFALPEAIFSNVYTFRDPNKNMTFESCTSYPVSKKLLQEIHSLLCFLV
FYIIPLSIISVYYSLIARTLYKSTLNIPTEEQSHARKQIESRKRIARTVLVLVALFALCWLPNHLLYLYHSFTSQTYVDP
SAMHFIFTIFSRVLAFSNSCVNPFALYWLSKSFQKHFKAQLFCCKAERPEPPVADTSLTTLAVMGTVPGTGSIQMSEISV
TSFTGCSVKQAEDRFGSSGGGGSGGGGSSGVFTLEDFVGDWEQTAAYNLDQVLEQGGVSSLLQNLAVSVTPIQRIVRSGE
NALKIDIHVIIPYEGLSADQMAQIEEVFKVVYPVDDHHFKVILPYGTLVIDGVTPNMLNYFGRPYEGIAVFDGKKITVTG
TLWNGNKIIDERLITPDGSMLFRVTINSGGSENLYFQGGSAGSAHHHHHHHH
;
R
2 'polypeptide(L)'
;MGSTVSAEDKAAAERSKMIDKNLREDGEKARRTLRLLLLGADNSGKSTIVKQMRILHGGSGGSGGTSGIFETKFQVDKVN
FHMFDVGGQRDERRKWIQCFNDVTAIIFVVDSSDYNRLQEALNDFKSIWNNRWLRTISVILFLNKQDLLAEKVLAGKSKI
EDYFPEFARYTTPEDATPEPGEDPRVTRAKYFIRKEFVDISTASGDGRHICYPHFTCAVDTENARRIFNDCKDIILQMNL
REYNLV
;
A
3 'polypeptide(L)'
;MGSLLQSELDQLRQEAEQLKNQIRDARKACADATLSQITNNIDPVGRIQMRTRRTLRGHLAKIYAMHWGTDSRLLVSASQ
DGKLIIWDSYTTNKVHAIPLRSSWVMTCAYAPSGNYVACGGLDNICSIYNLKTREGNVRVSRELAGHTGYLSCCRFLDDN
QIVTSSGDTTCALWDIETGQQTTTFTGHTGDVMSLSLAPDTRLFVSGACDASAKLWDVREGMCRQTFTGHESDINAICFF
PNGNAFATGSDDATCRLFDLRADQELMTYSHDNIICGITSVSFSKSGRLLLAGYDDFNCNVWDALKADRAGVLAGHDNRV
SCLGVTDDGMAVATGSWDSFLKIWN
;
B
4 'polypeptide(L)' ASNNTASIAQARKLVEQLKMEANIDRIKVSKAAADLMAYCEAHAKEDPLLTPVPASENPFREKKFFCAIL G
#
# COMPACT_ATOMS: atom_id res chain seq x y z
N LEU A 63 22.71 -43.00 31.68
CA LEU A 63 21.89 -42.95 32.87
C LEU A 63 20.94 -41.75 32.83
N CYS A 64 20.93 -40.97 33.91
CA CYS A 64 20.06 -39.80 33.98
C CYS A 64 20.55 -38.64 33.11
N ALA A 65 21.75 -38.74 32.55
CA ALA A 65 22.26 -37.66 31.71
C ALA A 65 21.46 -37.51 30.42
N ILE A 66 20.94 -38.62 29.89
CA ILE A 66 20.19 -38.55 28.63
C ILE A 66 18.88 -37.78 28.83
N TYR A 67 18.28 -37.89 30.02
CA TYR A 67 17.03 -37.18 30.28
C TYR A 67 17.23 -35.67 30.35
N ILE A 68 18.42 -35.21 30.71
CA ILE A 68 18.68 -33.77 30.72
C ILE A 68 18.58 -33.19 29.32
N THR A 69 19.16 -33.90 28.34
CA THR A 69 19.04 -33.48 26.95
C THR A 69 17.59 -33.50 26.50
N TYR A 70 16.84 -34.54 26.88
CA TYR A 70 15.42 -34.59 26.60
C TYR A 70 14.71 -33.34 27.11
N ALA A 71 14.94 -33.01 28.38
CA ALA A 71 14.24 -31.89 29.00
C ALA A 71 14.61 -30.57 28.33
N VAL A 72 15.89 -30.35 28.07
CA VAL A 72 16.30 -29.08 27.48
C VAL A 72 15.77 -28.95 26.06
N ILE A 73 15.80 -30.05 25.29
CA ILE A 73 15.31 -29.99 23.91
C ILE A 73 13.82 -29.72 23.88
N ILE A 74 13.05 -30.42 24.72
CA ILE A 74 11.60 -30.25 24.69
C ILE A 74 11.21 -28.86 25.20
N SER A 75 11.91 -28.36 26.23
CA SER A 75 11.64 -27.02 26.71
C SER A 75 11.98 -25.98 25.66
N VAL A 76 13.09 -26.15 24.95
CA VAL A 76 13.46 -25.22 23.90
C VAL A 76 12.42 -25.22 22.79
N GLY A 77 11.94 -26.40 22.40
CA GLY A 77 10.92 -26.47 21.36
C GLY A 77 9.62 -25.79 21.78
N ILE A 78 9.15 -26.08 22.99
CA ILE A 78 7.93 -25.47 23.48
C ILE A 78 8.08 -23.96 23.55
N LEU A 79 9.21 -23.47 24.06
CA LEU A 79 9.44 -22.04 24.15
C LEU A 79 9.48 -21.41 22.76
N GLY A 80 10.15 -22.06 21.81
CA GLY A 80 10.24 -21.50 20.47
C GLY A 80 8.89 -21.38 19.80
N ASN A 81 8.08 -22.42 19.88
CA ASN A 81 6.77 -22.34 19.26
C ASN A 81 5.83 -21.38 19.98
N ALA A 82 5.93 -21.31 21.32
CA ALA A 82 5.14 -20.34 22.06
C ALA A 82 5.51 -18.91 21.66
N ILE A 83 6.80 -18.62 21.53
CA ILE A 83 7.22 -17.30 21.11
C ILE A 83 6.79 -17.03 19.68
N LEU A 84 6.84 -18.05 18.82
CA LEU A 84 6.42 -17.85 17.43
C LEU A 84 4.94 -17.48 17.35
N ILE A 85 4.09 -18.23 18.04
CA ILE A 85 2.66 -17.93 17.98
C ILE A 85 2.36 -16.60 18.66
N LYS A 86 3.08 -16.29 19.74
CA LYS A 86 2.91 -14.99 20.39
C LYS A 86 3.27 -13.85 19.45
N VAL A 87 4.38 -13.98 18.74
CA VAL A 87 4.80 -12.96 17.78
C VAL A 87 3.78 -12.82 16.67
N PHE A 88 3.31 -13.95 16.14
CA PHE A 88 2.37 -13.90 15.02
C PHE A 88 1.06 -13.24 15.42
N PHE A 89 0.54 -13.59 16.60
CA PHE A 89 -0.76 -13.05 17.00
C PHE A 89 -0.64 -11.59 17.45
N LYS A 90 0.44 -11.24 18.14
CA LYS A 90 0.59 -9.85 18.60
C LYS A 90 0.88 -8.90 17.46
N THR A 91 1.72 -9.31 16.50
CA THR A 91 2.15 -8.45 15.42
C THR A 91 1.32 -8.73 14.18
N LYS A 92 0.60 -7.71 13.70
CA LYS A 92 -0.20 -7.84 12.49
C LYS A 92 0.64 -7.68 11.22
N SER A 93 1.86 -7.17 11.34
CA SER A 93 2.70 -6.97 10.15
C SER A 93 2.99 -8.30 9.47
N MET A 94 3.33 -9.32 10.23
CA MET A 94 3.53 -10.66 9.67
C MET A 94 2.28 -11.50 9.86
N GLN A 95 1.19 -11.07 9.19
CA GLN A 95 -0.06 -11.82 9.18
C GLN A 95 -0.57 -11.82 7.74
N THR A 96 -0.40 -12.94 7.06
CA THR A 96 -0.78 -13.06 5.66
C THR A 96 -0.83 -14.55 5.31
N VAL A 97 -0.98 -14.84 4.03
CA VAL A 97 -1.17 -16.23 3.58
C VAL A 97 0.01 -17.13 3.96
N PRO A 98 1.28 -16.76 3.69
CA PRO A 98 2.38 -17.67 4.04
C PRO A 98 2.47 -18.01 5.51
N ASN A 99 2.06 -17.10 6.41
CA ASN A 99 2.21 -17.32 7.84
C ASN A 99 1.16 -18.26 8.43
N ILE A 100 0.07 -18.52 7.69
CA ILE A 100 -0.98 -19.41 8.21
C ILE A 100 -0.43 -20.82 8.42
N PHE A 101 0.30 -21.34 7.43
CA PHE A 101 0.85 -22.68 7.57
C PHE A 101 2.01 -22.72 8.57
N ILE A 102 2.74 -21.61 8.70
CA ILE A 102 3.80 -21.55 9.72
C ILE A 102 3.19 -21.67 11.11
N THR A 103 2.10 -20.93 11.36
CA THR A 103 1.48 -21.01 12.68
C THR A 103 0.75 -22.34 12.86
N SER A 104 0.29 -22.96 11.78
CA SER A 104 -0.26 -24.31 11.87
C SER A 104 0.82 -25.30 12.31
N LEU A 105 2.02 -25.18 11.73
CA LEU A 105 3.13 -26.02 12.16
C LEU A 105 3.51 -25.75 13.62
N ALA A 106 3.47 -24.48 14.02
CA ALA A 106 3.75 -24.16 15.42
C ALA A 106 2.76 -24.82 16.36
N PHE A 107 1.46 -24.77 16.00
CA PHE A 107 0.44 -25.44 16.80
C PHE A 107 0.67 -26.95 16.82
N GLY A 108 1.01 -27.53 15.68
CA GLY A 108 1.24 -28.97 15.62
C GLY A 108 2.40 -29.40 16.49
N ASP A 109 3.50 -28.65 16.45
CA ASP A 109 4.64 -28.97 17.30
C ASP A 109 4.32 -28.78 18.77
N LEU A 110 3.56 -27.73 19.11
CA LEU A 110 3.16 -27.53 20.49
C LEU A 110 2.36 -28.72 21.00
N LEU A 111 1.40 -29.19 20.18
CA LEU A 111 0.61 -30.35 20.56
C LEU A 111 1.49 -31.60 20.68
N LEU A 112 2.42 -31.79 19.74
CA LEU A 112 3.27 -32.98 19.76
C LEU A 112 4.14 -33.02 21.00
N LEU A 113 4.72 -31.88 21.38
CA LEU A 113 5.55 -31.84 22.58
C LEU A 113 4.72 -31.98 23.85
N LEU A 114 3.55 -31.32 23.88
CA LEU A 114 2.68 -31.42 25.06
C LEU A 114 2.12 -32.83 25.21
N THR A 115 2.12 -33.62 24.13
CA THR A 115 1.73 -35.02 24.23
C THR A 115 2.92 -35.93 24.50
N CYS A 116 4.12 -35.53 24.09
CA CYS A 116 5.32 -36.30 24.38
C CYS A 116 5.77 -36.15 25.83
N VAL A 117 5.38 -35.07 26.51
CA VAL A 117 5.70 -34.94 27.94
C VAL A 117 5.04 -36.04 28.78
N PRO A 118 3.72 -36.28 28.71
CA PRO A 118 3.12 -37.25 29.64
C PRO A 118 3.62 -38.68 29.47
N VAL A 119 4.01 -39.10 28.27
CA VAL A 119 4.39 -40.51 28.08
C VAL A 119 5.67 -40.83 28.85
N ASP A 120 6.71 -40.01 28.70
CA ASP A 120 7.94 -40.29 29.44
C ASP A 120 7.84 -39.80 30.89
N ALA A 121 6.88 -38.91 31.18
CA ALA A 121 6.58 -38.63 32.58
C ALA A 121 6.01 -39.85 33.28
N THR A 122 5.15 -40.59 32.58
CA THR A 122 4.55 -41.79 33.15
C THR A 122 5.53 -42.95 33.20
N HIS A 123 6.38 -43.08 32.17
CA HIS A 123 7.31 -44.20 32.13
C HIS A 123 8.29 -44.14 33.31
N TYR A 124 8.78 -42.95 33.63
CA TYR A 124 9.67 -42.78 34.77
C TYR A 124 8.92 -42.94 36.09
N GLY A 128 1.96 -50.52 35.38
CA GLY A 128 1.18 -50.31 34.16
C GLY A 128 1.32 -48.90 33.61
N TRP A 129 0.23 -48.13 33.69
CA TRP A 129 0.22 -46.76 33.20
C TRP A 129 -0.57 -45.89 34.15
N LEU A 130 -0.02 -44.71 34.44
CA LEU A 130 -0.62 -43.81 35.42
C LEU A 130 -1.97 -43.30 34.95
N PHE A 131 -2.08 -42.96 33.67
CA PHE A 131 -3.31 -42.39 33.12
C PHE A 131 -4.38 -43.48 33.01
N GLY A 132 -5.56 -43.10 32.56
CA GLY A 132 -6.63 -44.05 32.34
C GLY A 132 -6.52 -44.75 30.99
N ARG A 133 -7.36 -45.77 30.81
CA ARG A 133 -7.42 -46.46 29.53
C ARG A 133 -7.89 -45.51 28.43
N ILE A 134 -9.01 -44.82 28.67
CA ILE A 134 -9.45 -43.79 27.74
C ILE A 134 -8.43 -42.67 27.66
N GLY A 135 -7.71 -42.41 28.76
CA GLY A 135 -6.63 -41.43 28.71
C GLY A 135 -5.55 -41.83 27.73
N LYS A 137 -5.94 -43.88 25.24
CA LYS A 137 -6.54 -43.87 23.90
C LYS A 137 -6.52 -42.47 23.30
N VAL A 138 -7.04 -41.48 24.04
CA VAL A 138 -7.09 -40.12 23.51
C VAL A 138 -5.68 -39.55 23.38
N LEU A 139 -4.75 -39.97 24.24
CA LEU A 139 -3.39 -39.47 24.15
C LEU A 139 -2.69 -39.97 22.89
N SER A 140 -2.84 -41.27 22.60
CA SER A 140 -2.27 -41.80 21.36
C SER A 140 -2.94 -41.17 20.14
N PHE A 141 -4.26 -40.95 20.22
CA PHE A 141 -4.97 -40.30 19.12
C PHE A 141 -4.43 -38.90 18.87
N ILE A 142 -4.24 -38.11 19.94
CA ILE A 142 -3.77 -36.74 19.77
C ILE A 142 -2.32 -36.72 19.32
N ARG A 143 -1.51 -37.68 19.79
CA ARG A 143 -0.13 -37.76 19.32
C ARG A 143 -0.07 -38.05 17.82
N LEU A 144 -0.87 -39.02 17.36
CA LEU A 144 -0.84 -39.36 15.95
C LEU A 144 -1.38 -38.24 15.09
N THR A 145 -2.45 -37.56 15.53
CA THR A 145 -2.97 -36.46 14.71
C THR A 145 -2.03 -35.27 14.73
N SER A 146 -1.30 -35.05 15.83
CA SER A 146 -0.30 -33.98 15.86
C SER A 146 0.86 -34.28 14.92
N VAL A 147 1.32 -35.53 14.93
CA VAL A 147 2.37 -35.94 13.97
C VAL A 147 1.87 -35.74 12.55
N GLY A 148 0.63 -36.14 12.27
CA GLY A 148 0.10 -35.99 10.93
C GLY A 148 0.03 -34.54 10.49
N VAL A 149 -0.50 -33.67 11.36
CA VAL A 149 -0.65 -32.27 10.98
C VAL A 149 0.72 -31.63 10.82
N SER A 150 1.68 -31.98 11.68
CA SER A 150 3.02 -31.40 11.55
C SER A 150 3.67 -31.81 10.23
N VAL A 151 3.65 -33.11 9.91
CA VAL A 151 4.29 -33.58 8.69
C VAL A 151 3.59 -33.02 7.45
N PHE A 152 2.26 -33.04 7.44
CA PHE A 152 1.53 -32.59 6.26
C PHE A 152 1.66 -31.09 6.08
N THR A 153 1.69 -30.32 7.18
CA THR A 153 1.91 -28.88 7.05
C THR A 153 3.32 -28.57 6.61
N LEU A 154 4.30 -29.39 7.01
CA LEU A 154 5.63 -29.26 6.44
C LEU A 154 5.59 -29.44 4.92
N THR A 155 4.86 -30.45 4.45
CA THR A 155 4.73 -30.67 3.02
C THR A 155 4.06 -29.49 2.32
N ILE A 156 3.00 -28.95 2.92
CA ILE A 156 2.28 -27.84 2.31
C ILE A 156 3.15 -26.58 2.28
N LEU A 157 3.90 -26.32 3.35
CA LEU A 157 4.83 -25.19 3.35
C LEU A 157 5.91 -25.37 2.30
N SER A 158 6.40 -26.61 2.12
CA SER A 158 7.37 -26.88 1.08
C SER A 158 6.80 -26.54 -0.29
N ALA A 159 5.55 -26.94 -0.54
CA ALA A 159 4.92 -26.64 -1.83
C ALA A 159 4.75 -25.14 -2.03
N ASP A 160 4.32 -24.43 -0.98
CA ASP A 160 4.13 -22.98 -1.10
C ASP A 160 5.45 -22.27 -1.36
N ARG A 161 6.51 -22.67 -0.65
CA ARG A 161 7.82 -22.07 -0.88
C ARG A 161 8.34 -22.37 -2.28
N TYR A 162 8.10 -23.59 -2.78
CA TYR A 162 8.49 -23.90 -4.14
C TYR A 162 7.77 -23.00 -5.13
N LYS A 163 6.47 -22.82 -4.96
CA LYS A 163 5.71 -21.95 -5.85
C LYS A 163 6.22 -20.52 -5.78
N ALA A 164 6.52 -20.04 -4.57
CA ALA A 164 6.98 -18.67 -4.39
C ALA A 164 8.34 -18.43 -5.02
N VAL A 165 9.25 -19.39 -4.90
CA VAL A 165 10.63 -19.20 -5.31
C VAL A 165 10.80 -19.49 -6.79
N VAL A 166 10.38 -20.69 -7.22
CA VAL A 166 10.66 -21.12 -8.59
C VAL A 166 9.70 -20.48 -9.59
N LYS A 167 8.51 -20.07 -9.17
CA LYS A 167 7.53 -19.44 -10.05
C LYS A 167 7.08 -18.13 -9.42
N PRO A 168 7.94 -17.10 -9.44
CA PRO A 168 7.58 -15.86 -8.75
C PRO A 168 6.58 -15.01 -9.51
N LEU A 169 6.68 -14.98 -10.85
CA LEU A 169 5.75 -14.18 -11.64
C LEU A 169 4.32 -14.67 -11.49
N GLU A 170 4.12 -15.98 -11.49
CA GLU A 170 2.79 -16.56 -11.30
C GLU A 170 2.39 -16.46 -9.84
N ARG A 171 1.81 -15.33 -9.45
CA ARG A 171 1.43 -15.08 -8.07
C ARG A 171 0.02 -15.62 -7.82
N GLN A 172 -0.45 -15.47 -6.58
CA GLN A 172 -1.79 -15.89 -6.18
C GLN A 172 -2.15 -15.36 -4.79
N PRO A 173 -1.27 -15.42 -3.79
CA PRO A 173 -1.62 -14.82 -2.48
C PRO A 173 -1.91 -13.33 -2.61
N SER A 174 -3.01 -12.92 -1.96
CA SER A 174 -3.45 -11.53 -1.92
C SER A 174 -4.71 -11.44 -1.08
N ASN A 175 -5.78 -12.09 -1.54
CA ASN A 175 -7.03 -12.20 -0.80
C ASN A 175 -7.49 -13.65 -0.70
N ALA A 176 -6.55 -14.60 -0.70
CA ALA A 176 -6.86 -16.03 -0.66
C ALA A 176 -6.74 -16.61 0.74
N ILE A 177 -7.11 -15.85 1.77
CA ILE A 177 -7.08 -16.37 3.13
C ILE A 177 -8.03 -17.55 3.25
N LEU A 178 -9.17 -17.49 2.57
CA LEU A 178 -10.12 -18.60 2.59
C LEU A 178 -9.48 -19.87 2.04
N LYS A 179 -8.74 -19.76 0.95
CA LYS A 179 -8.14 -20.94 0.34
C LYS A 179 -7.11 -21.60 1.26
N THR A 180 -6.22 -20.80 1.85
CA THR A 180 -5.20 -21.38 2.72
C THR A 180 -5.81 -21.91 4.02
N CYS A 181 -6.84 -21.25 4.54
CA CYS A 181 -7.53 -21.76 5.72
C CYS A 181 -8.22 -23.08 5.42
N VAL A 182 -8.84 -23.19 4.24
CA VAL A 182 -9.48 -24.44 3.85
C VAL A 182 -8.44 -25.54 3.70
N LYS A 183 -7.29 -25.22 3.10
CA LYS A 183 -6.23 -26.22 2.95
C LYS A 183 -5.73 -26.70 4.31
N ALA A 184 -5.51 -25.76 5.24
CA ALA A 184 -5.03 -26.15 6.57
C ALA A 184 -6.07 -26.98 7.30
N GLY A 185 -7.35 -26.59 7.22
CA GLY A 185 -8.39 -27.36 7.87
C GLY A 185 -8.53 -28.76 7.28
N CYS A 186 -8.45 -28.87 5.96
CA CYS A 186 -8.50 -30.18 5.32
C CYS A 186 -7.32 -31.04 5.74
N VAL A 187 -6.13 -30.44 5.83
CA VAL A 187 -4.95 -31.18 6.29
C VAL A 187 -5.18 -31.70 7.71
N TRP A 188 -5.68 -30.85 8.59
CA TRP A 188 -5.90 -31.26 9.97
C TRP A 188 -6.95 -32.36 10.06
N ILE A 189 -8.03 -32.24 9.28
CA ILE A 189 -9.09 -33.24 9.32
C ILE A 189 -8.59 -34.58 8.76
N VAL A 190 -7.82 -34.54 7.68
CA VAL A 190 -7.29 -35.79 7.11
C VAL A 190 -6.33 -36.45 8.08
N SER A 191 -5.50 -35.66 8.77
CA SER A 191 -4.62 -36.21 9.80
C SER A 191 -5.42 -36.84 10.93
N MET A 192 -6.50 -36.16 11.35
CA MET A 192 -7.36 -36.71 12.40
C MET A 192 -7.96 -38.04 11.97
N ILE A 193 -8.39 -38.13 10.71
CA ILE A 193 -8.94 -39.37 10.20
C ILE A 193 -7.87 -40.47 10.17
N PHE A 194 -6.65 -40.10 9.77
CA PHE A 194 -5.55 -41.06 9.81
C PHE A 194 -5.23 -41.52 11.24
N ALA A 195 -5.56 -40.70 12.24
CA ALA A 195 -5.38 -41.13 13.61
C ALA A 195 -6.45 -42.12 14.08
N LEU A 196 -7.56 -42.23 13.35
CA LEU A 196 -8.62 -43.15 13.74
C LEU A 196 -8.21 -44.62 13.72
N PRO A 197 -7.52 -45.15 12.68
CA PRO A 197 -7.21 -46.59 12.67
C PRO A 197 -6.51 -47.11 13.92
N GLU A 198 -6.02 -46.21 14.76
CA GLU A 198 -5.39 -46.60 16.01
C GLU A 198 -6.40 -46.75 17.15
N ALA A 199 -7.68 -46.53 16.89
CA ALA A 199 -8.72 -46.58 17.92
C ALA A 199 -8.93 -47.97 18.51
N ILE A 200 -8.16 -49.00 18.11
CA ILE A 200 -8.31 -50.31 18.73
C ILE A 200 -7.80 -50.28 20.17
N PHE A 201 -6.53 -49.94 20.36
CA PHE A 201 -5.95 -49.78 21.69
C PHE A 201 -4.62 -49.05 21.61
N CYS A 219 0.98 -48.52 27.35
CA CYS A 219 -0.21 -48.50 26.51
C CYS A 219 0.15 -48.73 25.05
N THR A 220 0.29 -50.00 24.68
CA THR A 220 0.65 -50.37 23.32
C THR A 220 -0.51 -50.11 22.36
N SER A 221 -0.17 -49.96 21.08
CA SER A 221 -1.19 -49.64 20.07
C SER A 221 -2.01 -50.86 19.71
N TYR A 222 -1.40 -52.03 19.66
CA TYR A 222 -2.06 -53.27 19.24
C TYR A 222 -1.67 -54.40 20.16
N PRO A 223 -2.55 -55.38 20.34
CA PRO A 223 -2.23 -56.55 21.18
C PRO A 223 -1.31 -57.52 20.46
N VAL A 224 -0.98 -58.62 21.15
CA VAL A 224 -0.05 -59.61 20.61
C VAL A 224 -0.68 -60.36 19.44
N SER A 225 -1.99 -60.64 19.50
CA SER A 225 -2.64 -61.45 18.48
C SER A 225 -2.55 -60.82 17.10
N LYS A 226 -2.59 -59.49 17.02
CA LYS A 226 -2.49 -58.78 15.75
C LYS A 226 -1.04 -58.84 15.28
N LYS A 227 -0.70 -59.93 14.59
CA LYS A 227 0.64 -60.09 14.06
C LYS A 227 0.77 -59.47 12.67
N LEU A 228 -0.06 -59.91 11.72
CA LEU A 228 -0.03 -59.33 10.38
C LEU A 228 -0.71 -57.97 10.38
N LEU A 229 -1.73 -57.77 11.21
CA LEU A 229 -2.41 -56.49 11.27
C LEU A 229 -1.48 -55.39 11.78
N GLN A 230 -0.73 -55.67 12.83
CA GLN A 230 0.24 -54.69 13.32
C GLN A 230 1.35 -54.46 12.30
N GLU A 231 1.75 -55.50 11.57
CA GLU A 231 2.73 -55.34 10.50
C GLU A 231 2.23 -54.37 9.43
N ILE A 232 1.00 -54.59 8.95
CA ILE A 232 0.49 -53.75 7.88
C ILE A 232 0.24 -52.33 8.37
N HIS A 233 -0.20 -52.17 9.63
CA HIS A 233 -0.38 -50.83 10.17
C HIS A 233 0.96 -50.13 10.32
N SER A 234 1.99 -50.84 10.75
CA SER A 234 3.33 -50.26 10.87
C SER A 234 3.84 -49.80 9.50
N LEU A 235 3.68 -50.66 8.48
CA LEU A 235 4.13 -50.29 7.14
C LEU A 235 3.34 -49.09 6.62
N LEU A 236 2.02 -49.06 6.86
CA LEU A 236 1.20 -47.96 6.39
C LEU A 236 1.60 -46.65 7.05
N CYS A 237 1.78 -46.66 8.38
CA CYS A 237 2.18 -45.45 9.10
C CYS A 237 3.56 -44.99 8.65
N PHE A 238 4.51 -45.92 8.54
CA PHE A 238 5.85 -45.57 8.10
C PHE A 238 5.82 -44.91 6.72
N LEU A 239 5.15 -45.55 5.76
CA LEU A 239 5.12 -45.02 4.41
C LEU A 239 4.42 -43.66 4.37
N VAL A 240 3.22 -43.58 4.95
CA VAL A 240 2.42 -42.36 4.85
C VAL A 240 3.12 -41.20 5.53
N PHE A 241 3.79 -41.44 6.65
CA PHE A 241 4.36 -40.35 7.43
C PHE A 241 5.84 -40.09 7.13
N TYR A 242 6.50 -40.92 6.32
CA TYR A 242 7.93 -40.73 6.10
C TYR A 242 8.38 -40.85 4.64
N ILE A 243 7.65 -41.50 3.75
CA ILE A 243 8.17 -41.72 2.40
C ILE A 243 7.64 -40.64 1.46
N ILE A 244 6.32 -40.52 1.37
CA ILE A 244 5.73 -39.48 0.52
C ILE A 244 6.10 -38.09 0.99
N PRO A 245 5.95 -37.72 2.28
CA PRO A 245 6.30 -36.35 2.68
C PRO A 245 7.78 -36.04 2.52
N LEU A 246 8.66 -36.97 2.87
CA LEU A 246 10.08 -36.73 2.69
C LEU A 246 10.43 -36.55 1.22
N SER A 247 9.83 -37.37 0.35
CA SER A 247 10.08 -37.23 -1.08
C SER A 247 9.63 -35.87 -1.60
N ILE A 248 8.42 -35.45 -1.22
CA ILE A 248 7.91 -34.17 -1.70
C ILE A 248 8.78 -33.02 -1.17
N ILE A 249 9.09 -33.06 0.12
CA ILE A 249 9.88 -32.00 0.72
C ILE A 249 11.26 -31.93 0.08
N SER A 250 11.91 -33.08 -0.09
CA SER A 250 13.25 -33.10 -0.67
C SER A 250 13.23 -32.58 -2.11
N VAL A 251 12.26 -33.01 -2.92
CA VAL A 251 12.21 -32.57 -4.30
C VAL A 251 11.99 -31.07 -4.38
N TYR A 252 10.97 -30.57 -3.68
CA TYR A 252 10.64 -29.16 -3.77
C TYR A 252 11.76 -28.28 -3.22
N TYR A 253 12.38 -28.69 -2.11
CA TYR A 253 13.40 -27.86 -1.50
C TYR A 253 14.72 -27.93 -2.27
N SER A 254 15.04 -29.08 -2.88
CA SER A 254 16.19 -29.14 -3.77
C SER A 254 15.98 -28.25 -4.98
N LEU A 255 14.76 -28.22 -5.52
CA LEU A 255 14.47 -27.31 -6.62
C LEU A 255 14.61 -25.85 -6.20
N ILE A 256 14.16 -25.53 -4.98
CA ILE A 256 14.31 -24.17 -4.46
C ILE A 256 15.78 -23.79 -4.35
N ALA A 257 16.60 -24.69 -3.80
CA ALA A 257 18.02 -24.40 -3.64
C ALA A 257 18.71 -24.24 -4.99
N ARG A 258 18.39 -25.11 -5.95
CA ARG A 258 18.97 -24.99 -7.28
C ARG A 258 18.56 -23.68 -7.95
N THR A 259 17.28 -23.31 -7.81
CA THR A 259 16.82 -22.06 -8.41
C THR A 259 17.53 -20.86 -7.80
N LEU A 260 17.71 -20.87 -6.47
CA LEU A 260 18.41 -19.75 -5.83
C LEU A 260 19.87 -19.69 -6.26
N TYR A 261 20.54 -20.84 -6.31
CA TYR A 261 21.94 -20.86 -6.74
C TYR A 261 22.09 -20.40 -8.18
N LYS A 262 21.11 -20.71 -9.03
CA LYS A 262 21.19 -20.24 -10.42
C LYS A 262 20.85 -18.75 -10.51
N SER A 263 19.88 -18.29 -9.74
CA SER A 263 19.45 -16.90 -9.82
C SER A 263 20.41 -15.95 -9.12
N THR A 264 21.37 -16.48 -8.34
CA THR A 264 22.35 -15.60 -7.73
C THR A 264 23.27 -14.95 -8.77
N LEU A 265 23.24 -15.41 -10.02
CA LEU A 265 24.07 -14.84 -11.08
C LEU A 265 23.36 -13.76 -11.88
N ASN A 266 22.12 -13.43 -11.54
CA ASN A 266 21.34 -12.41 -12.24
C ASN A 266 21.26 -11.11 -11.45
N ILE A 267 22.35 -10.74 -10.79
CA ILE A 267 22.37 -9.60 -9.87
C ILE A 267 23.52 -8.69 -10.30
N PRO A 268 23.37 -7.35 -10.19
CA PRO A 268 24.40 -6.43 -10.72
C PRO A 268 25.83 -6.68 -10.25
N THR A 269 26.03 -7.58 -9.29
CA THR A 269 27.35 -8.10 -8.95
C THR A 269 28.27 -7.03 -8.36
N GLU A 270 28.79 -6.15 -9.21
CA GLU A 270 29.76 -5.16 -8.76
C GLU A 270 29.08 -4.09 -7.91
N GLU A 271 29.90 -3.22 -7.31
CA GLU A 271 29.43 -2.09 -6.52
C GLU A 271 28.55 -2.58 -5.35
N GLN A 272 29.24 -3.24 -4.41
CA GLN A 272 28.60 -3.94 -3.30
C GLN A 272 27.82 -2.98 -2.40
N SER A 273 27.22 -3.56 -1.36
CA SER A 273 26.24 -2.99 -0.41
C SER A 273 24.83 -3.00 -0.98
N HIS A 274 24.65 -3.41 -2.24
CA HIS A 274 23.32 -3.70 -2.77
C HIS A 274 23.24 -4.98 -3.59
N ALA A 275 24.36 -5.58 -4.00
CA ALA A 275 24.37 -6.77 -4.83
C ALA A 275 24.97 -7.98 -4.13
N ARG A 276 26.13 -7.83 -3.50
CA ARG A 276 26.77 -8.94 -2.80
C ARG A 276 25.88 -9.47 -1.68
N LYS A 277 25.15 -8.57 -1.02
CA LYS A 277 24.26 -8.99 0.07
C LYS A 277 23.20 -9.96 -0.45
N GLN A 278 22.66 -9.70 -1.64
CA GLN A 278 21.69 -10.63 -2.22
C GLN A 278 22.34 -11.96 -2.54
N ILE A 279 23.58 -11.95 -3.03
CA ILE A 279 24.29 -13.21 -3.30
C ILE A 279 24.37 -14.05 -2.04
N GLU A 280 24.83 -13.43 -0.95
CA GLU A 280 24.99 -14.15 0.30
C GLU A 280 23.63 -14.62 0.83
N SER A 281 22.60 -13.78 0.71
CA SER A 281 21.28 -14.15 1.20
C SER A 281 20.73 -15.36 0.46
N ARG A 282 20.82 -15.37 -0.87
CA ARG A 282 20.29 -16.50 -1.63
C ARG A 282 21.06 -17.78 -1.34
N LYS A 283 22.40 -17.68 -1.27
CA LYS A 283 23.19 -18.86 -0.94
C LYS A 283 22.84 -19.40 0.45
N ARG A 284 22.67 -18.49 1.41
CA ARG A 284 22.33 -18.89 2.78
C ARG A 284 20.96 -19.55 2.83
N ILE A 285 19.99 -19.02 2.09
CA ILE A 285 18.66 -19.63 2.06
C ILE A 285 18.73 -21.03 1.48
N ALA A 286 19.48 -21.20 0.39
CA ALA A 286 19.59 -22.53 -0.22
C ALA A 286 20.23 -23.52 0.74
N ARG A 287 21.32 -23.11 1.41
CA ARG A 287 22.00 -24.00 2.34
C ARG A 287 21.09 -24.35 3.52
N THR A 288 20.37 -23.36 4.05
CA THR A 288 19.45 -23.62 5.16
C THR A 288 18.36 -24.59 4.75
N VAL A 289 17.83 -24.44 3.53
CA VAL A 289 16.79 -25.33 3.05
C VAL A 289 17.29 -26.75 2.93
N LEU A 290 18.49 -26.94 2.37
CA LEU A 290 19.03 -28.29 2.24
C LEU A 290 19.29 -28.91 3.62
N VAL A 291 19.84 -28.12 4.55
CA VAL A 291 20.07 -28.61 5.90
C VAL A 291 18.74 -28.99 6.56
N LEU A 292 17.68 -28.22 6.30
CA LEU A 292 16.37 -28.53 6.85
C LEU A 292 15.86 -29.87 6.34
N VAL A 293 16.01 -30.13 5.05
CA VAL A 293 15.58 -31.43 4.51
C VAL A 293 16.36 -32.56 5.14
N ALA A 294 17.69 -32.42 5.21
CA ALA A 294 18.51 -33.46 5.79
C ALA A 294 18.15 -33.70 7.26
N LEU A 295 17.85 -32.62 7.98
CA LEU A 295 17.53 -32.74 9.40
C LEU A 295 16.18 -33.41 9.59
N PHE A 296 15.19 -33.09 8.74
CA PHE A 296 13.93 -33.80 8.78
C PHE A 296 14.14 -35.30 8.62
N ALA A 297 14.88 -35.69 7.58
CA ALA A 297 15.09 -37.11 7.32
C ALA A 297 15.79 -37.79 8.49
N LEU A 298 16.91 -37.22 8.95
CA LEU A 298 17.69 -37.83 10.01
C LEU A 298 16.91 -37.91 11.31
N CYS A 299 16.13 -36.86 11.62
CA CYS A 299 15.41 -36.82 12.89
C CYS A 299 14.21 -37.76 12.90
N TRP A 300 13.57 -37.97 11.74
CA TRP A 300 12.38 -38.81 11.74
C TRP A 300 12.68 -40.28 11.41
N LEU A 301 13.86 -40.60 10.89
CA LEU A 301 14.16 -41.99 10.56
C LEU A 301 14.13 -42.93 11.77
N PRO A 302 14.82 -42.66 12.88
CA PRO A 302 14.96 -43.70 13.91
C PRO A 302 13.64 -44.16 14.53
N ASN A 303 12.67 -43.27 14.68
CA ASN A 303 11.39 -43.67 15.29
C ASN A 303 10.71 -44.73 14.45
N HIS A 304 10.58 -44.48 13.15
CA HIS A 304 9.93 -45.46 12.27
C HIS A 304 10.80 -46.71 12.11
N LEU A 305 12.12 -46.56 12.13
CA LEU A 305 12.99 -47.73 12.06
C LEU A 305 12.76 -48.65 13.27
N LEU A 306 12.68 -48.05 14.46
CA LEU A 306 12.44 -48.84 15.67
C LEU A 306 11.05 -49.45 15.65
N TYR A 307 10.05 -48.71 15.17
CA TYR A 307 8.71 -49.27 15.07
C TYR A 307 8.68 -50.47 14.15
N LEU A 308 9.34 -50.38 12.99
CA LEU A 308 9.40 -51.50 12.06
C LEU A 308 10.13 -52.68 12.66
N TYR A 309 11.26 -52.43 13.33
CA TYR A 309 12.02 -53.52 13.93
C TYR A 309 11.22 -54.21 15.03
N HIS A 310 10.48 -53.43 15.82
CA HIS A 310 9.66 -54.01 16.88
C HIS A 310 8.51 -54.82 16.30
N SER A 311 7.92 -54.33 15.20
CA SER A 311 6.84 -55.08 14.55
C SER A 311 7.35 -56.39 13.96
N PHE A 312 8.56 -56.35 13.39
CA PHE A 312 9.11 -57.56 12.78
C PHE A 312 9.33 -58.66 13.80
N THR A 313 9.84 -58.32 14.97
CA THR A 313 10.10 -59.32 16.01
C THR A 313 9.69 -58.79 17.38
N SER A 321 13.59 -55.97 27.26
CA SER A 321 14.46 -55.17 26.40
C SER A 321 15.85 -55.02 27.03
N ALA A 322 16.83 -55.71 26.45
CA ALA A 322 18.20 -55.70 26.95
C ALA A 322 18.94 -54.54 26.31
N MET A 323 19.25 -53.52 27.12
CA MET A 323 20.06 -52.36 26.74
C MET A 323 19.59 -51.69 25.45
N HIS A 324 18.33 -51.92 25.05
CA HIS A 324 17.76 -51.16 23.94
C HIS A 324 17.02 -49.92 24.40
N PHE A 325 16.81 -49.75 25.70
CA PHE A 325 16.02 -48.63 26.19
C PHE A 325 16.69 -47.29 25.89
N ILE A 326 18.02 -47.24 26.01
CA ILE A 326 18.74 -46.01 25.64
C ILE A 326 18.51 -45.69 24.17
N PHE A 327 18.52 -46.72 23.32
CA PHE A 327 18.27 -46.50 21.90
C PHE A 327 16.85 -46.00 21.66
N THR A 328 15.87 -46.56 22.38
CA THR A 328 14.49 -46.09 22.23
C THR A 328 14.37 -44.62 22.65
N ILE A 329 14.98 -44.26 23.78
CA ILE A 329 14.90 -42.90 24.26
C ILE A 329 15.55 -41.94 23.27
N PHE A 330 16.74 -42.29 22.77
CA PHE A 330 17.42 -41.45 21.80
C PHE A 330 16.60 -41.31 20.53
N SER A 331 15.96 -42.40 20.09
CA SER A 331 15.11 -42.35 18.91
C SER A 331 13.94 -41.40 19.12
N ARG A 332 13.33 -41.42 20.30
CA ARG A 332 12.21 -40.52 20.59
C ARG A 332 12.67 -39.07 20.62
N VAL A 333 13.82 -38.79 21.25
CA VAL A 333 14.33 -37.42 21.28
C VAL A 333 14.62 -36.93 19.87
N LEU A 334 15.27 -37.76 19.04
CA LEU A 334 15.50 -37.41 17.66
C LEU A 334 14.19 -37.21 16.91
N ALA A 335 13.16 -37.98 17.24
CA ALA A 335 11.88 -37.85 16.56
C ALA A 335 11.24 -36.50 16.83
N PHE A 336 11.22 -36.06 18.09
CA PHE A 336 10.56 -34.79 18.38
C PHE A 336 11.50 -33.59 18.33
N SER A 337 12.78 -33.79 18.02
CA SER A 337 13.68 -32.64 17.86
C SER A 337 13.43 -31.89 16.56
N ASN A 338 12.91 -32.56 15.54
CA ASN A 338 12.65 -31.91 14.26
C ASN A 338 11.60 -30.81 14.40
N SER A 339 10.50 -31.11 15.11
CA SER A 339 9.49 -30.10 15.32
C SER A 339 10.00 -28.98 16.21
N CYS A 340 10.91 -29.30 17.14
CA CYS A 340 11.57 -28.27 17.93
C CYS A 340 12.38 -27.32 17.05
N VAL A 341 13.11 -27.88 16.08
CA VAL A 341 13.96 -27.06 15.22
C VAL A 341 13.21 -26.37 14.10
N ASN A 342 11.94 -26.76 13.87
CA ASN A 342 11.17 -26.13 12.80
C ASN A 342 11.09 -24.61 12.91
N PRO A 343 10.77 -24.02 14.07
CA PRO A 343 10.77 -22.54 14.15
C PRO A 343 12.16 -21.93 14.15
N PHE A 344 13.19 -22.70 14.51
CA PHE A 344 14.54 -22.16 14.52
C PHE A 344 15.02 -21.86 13.11
N ALA A 345 14.53 -22.59 12.10
CA ALA A 345 14.87 -22.26 10.73
C ALA A 345 14.31 -20.90 10.33
N LEU A 346 13.07 -20.62 10.71
CA LEU A 346 12.48 -19.31 10.43
C LEU A 346 13.22 -18.21 11.17
N TYR A 347 13.60 -18.48 12.43
CA TYR A 347 14.40 -17.49 13.16
C TYR A 347 15.75 -17.26 12.47
N TRP A 348 16.38 -18.34 12.00
CA TRP A 348 17.69 -18.23 11.36
C TRP A 348 17.62 -17.43 10.06
N LEU A 349 16.55 -17.63 9.27
CA LEU A 349 16.49 -17.01 7.96
C LEU A 349 16.08 -15.54 8.04
N SER A 350 14.89 -15.27 8.56
CA SER A 350 14.29 -13.94 8.45
C SER A 350 14.86 -13.01 9.52
N LYS A 351 15.33 -11.83 9.09
CA LYS A 351 15.83 -10.84 10.03
C LYS A 351 14.67 -10.10 10.72
N SER A 352 13.59 -9.84 9.99
CA SER A 352 12.42 -9.23 10.61
C SER A 352 11.83 -10.15 11.67
N PHE A 353 11.78 -11.46 11.38
CA PHE A 353 11.35 -12.40 12.40
C PHE A 353 12.31 -12.42 13.58
N GLN A 354 13.60 -12.22 13.33
CA GLN A 354 14.56 -12.10 14.44
C GLN A 354 14.22 -10.90 15.32
N LYS A 355 13.93 -9.76 14.70
CA LYS A 355 13.59 -8.57 15.48
C LYS A 355 12.32 -8.78 16.28
N HIS A 356 11.30 -9.39 15.67
CA HIS A 356 10.06 -9.66 16.41
C HIS A 356 10.29 -10.66 17.54
N PHE A 357 11.11 -11.68 17.29
CA PHE A 357 11.43 -12.68 18.30
C PHE A 357 12.13 -12.04 19.49
N LYS A 358 13.08 -11.14 19.23
CA LYS A 358 13.77 -10.47 20.32
C LYS A 358 12.84 -9.50 21.04
N ALA A 359 11.95 -8.83 20.30
CA ALA A 359 11.03 -7.89 20.93
C ALA A 359 10.06 -8.59 21.87
N GLN A 360 9.52 -9.75 21.45
CA GLN A 360 8.57 -10.47 22.26
C GLN A 360 9.23 -11.47 23.22
N LEU A 361 10.55 -11.53 23.26
CA LEU A 361 11.25 -12.43 24.17
C LEU A 361 11.09 -11.98 25.61
N VAL B 5 -35.75 -11.94 2.22
CA VAL B 5 -35.94 -10.55 1.84
C VAL B 5 -36.98 -10.45 0.72
N SER B 6 -37.05 -9.28 0.09
CA SER B 6 -38.03 -9.05 -0.96
C SER B 6 -37.44 -9.38 -2.33
N ALA B 7 -38.31 -9.35 -3.35
CA ALA B 7 -37.88 -9.67 -4.70
C ALA B 7 -36.89 -8.64 -5.23
N GLU B 8 -37.14 -7.36 -4.99
CA GLU B 8 -36.23 -6.32 -5.45
C GLU B 8 -34.89 -6.41 -4.73
N ASP B 9 -34.91 -6.84 -3.46
CA ASP B 9 -33.66 -7.07 -2.75
C ASP B 9 -32.86 -8.19 -3.40
N LYS B 10 -33.53 -9.26 -3.81
CA LYS B 10 -32.86 -10.34 -4.54
C LYS B 10 -32.32 -9.86 -5.88
N ALA B 11 -33.07 -8.99 -6.56
CA ALA B 11 -32.58 -8.43 -7.81
C ALA B 11 -31.32 -7.59 -7.59
N ALA B 12 -31.31 -6.78 -6.53
CA ALA B 12 -30.12 -6.00 -6.20
C ALA B 12 -28.95 -6.92 -5.88
N ALA B 13 -29.20 -7.98 -5.11
CA ALA B 13 -28.14 -8.91 -4.75
C ALA B 13 -27.57 -9.61 -5.98
N GLU B 14 -28.44 -10.01 -6.92
CA GLU B 14 -27.94 -10.69 -8.11
C GLU B 14 -27.19 -9.73 -9.02
N ARG B 15 -27.65 -8.47 -9.12
CA ARG B 15 -26.88 -7.47 -9.85
C ARG B 15 -25.50 -7.28 -9.23
N SER B 16 -25.45 -7.20 -7.89
CA SER B 16 -24.18 -7.05 -7.20
C SER B 16 -23.28 -8.26 -7.43
N LYS B 17 -23.85 -9.47 -7.48
CA LYS B 17 -23.03 -10.66 -7.64
C LYS B 17 -22.49 -10.78 -9.06
N MET B 18 -23.28 -10.41 -10.07
CA MET B 18 -22.75 -10.37 -11.43
C MET B 18 -21.66 -9.31 -11.56
N ILE B 19 -21.86 -8.14 -10.94
CA ILE B 19 -20.84 -7.10 -10.98
C ILE B 19 -19.56 -7.60 -10.29
N ASP B 20 -19.72 -8.32 -9.17
CA ASP B 20 -18.56 -8.80 -8.42
C ASP B 20 -17.82 -9.88 -9.20
N LYS B 21 -18.53 -10.78 -9.87
CA LYS B 21 -17.84 -11.80 -10.65
C LYS B 21 -17.12 -11.20 -11.84
N ASN B 22 -17.73 -10.19 -12.49
CA ASN B 22 -17.02 -9.48 -13.55
C ASN B 22 -15.79 -8.77 -13.00
N LEU B 23 -15.91 -8.18 -11.80
CA LEU B 23 -14.77 -7.52 -11.17
C LEU B 23 -13.65 -8.51 -10.88
N ARG B 24 -13.99 -9.71 -10.40
CA ARG B 24 -12.97 -10.69 -10.09
C ARG B 24 -12.32 -11.21 -11.36
N GLU B 25 -13.09 -11.38 -12.43
CA GLU B 25 -12.50 -11.75 -13.72
C GLU B 25 -11.53 -10.68 -14.19
N ASP B 26 -11.93 -9.41 -14.09
CA ASP B 26 -11.05 -8.32 -14.49
C ASP B 26 -9.79 -8.27 -13.63
N GLY B 27 -9.93 -8.51 -12.33
CA GLY B 27 -8.78 -8.51 -11.46
C GLY B 27 -7.81 -9.64 -11.79
N GLU B 28 -8.33 -10.84 -12.00
CA GLU B 28 -7.47 -11.95 -12.37
C GLU B 28 -6.77 -11.70 -13.70
N LYS B 29 -7.46 -11.02 -14.63
CA LYS B 29 -6.85 -10.74 -15.93
C LYS B 29 -5.82 -9.62 -15.86
N ALA B 30 -6.04 -8.63 -14.99
CA ALA B 30 -5.26 -7.40 -15.04
C ALA B 30 -4.28 -7.23 -13.89
N ARG B 31 -4.21 -8.15 -12.94
CA ARG B 31 -3.20 -8.09 -11.90
C ARG B 31 -2.03 -9.03 -12.17
N ARG B 32 -2.05 -9.76 -13.28
CA ARG B 32 -0.88 -10.48 -13.74
C ARG B 32 0.07 -9.61 -14.55
N THR B 33 -0.33 -8.39 -14.88
CA THR B 33 0.52 -7.47 -15.62
C THR B 33 1.44 -6.72 -14.67
N LEU B 34 2.61 -6.37 -15.18
CA LEU B 34 3.60 -5.61 -14.43
C LEU B 34 3.65 -4.19 -14.97
N ARG B 35 3.49 -3.22 -14.08
CA ARG B 35 3.48 -1.81 -14.46
C ARG B 35 4.88 -1.23 -14.35
N LEU B 36 5.35 -0.61 -15.42
CA LEU B 36 6.69 -0.04 -15.50
C LEU B 36 6.58 1.46 -15.70
N LEU B 37 7.43 2.22 -15.02
CA LEU B 37 7.43 3.68 -15.10
C LEU B 37 8.66 4.10 -15.89
N LEU B 38 8.49 4.28 -17.20
CA LEU B 38 9.55 4.81 -18.05
C LEU B 38 9.74 6.28 -17.69
N LEU B 39 10.84 6.59 -17.00
CA LEU B 39 11.04 7.90 -16.40
C LEU B 39 12.43 8.43 -16.68
N GLY B 40 12.87 8.31 -17.93
CA GLY B 40 14.14 8.87 -18.35
C GLY B 40 14.07 10.38 -18.51
N ALA B 41 14.83 10.90 -19.46
CA ALA B 41 14.88 12.32 -19.71
C ALA B 41 14.83 12.58 -21.21
N ASP B 42 14.61 13.84 -21.58
CA ASP B 42 14.59 14.22 -22.99
C ASP B 42 15.98 14.07 -23.59
N ASN B 43 16.03 13.89 -24.91
CA ASN B 43 17.25 13.72 -25.70
C ASN B 43 18.08 12.53 -25.26
N SER B 44 17.49 11.65 -24.44
CA SER B 44 18.17 10.46 -23.95
C SER B 44 17.74 9.19 -24.68
N GLY B 45 16.86 9.30 -25.67
CA GLY B 45 16.35 8.12 -26.34
C GLY B 45 15.39 7.30 -25.51
N LYS B 46 14.71 7.95 -24.54
CA LYS B 46 13.81 7.22 -23.65
C LYS B 46 12.64 6.61 -24.42
N SER B 47 12.09 7.36 -25.37
CA SER B 47 10.91 6.88 -26.10
C SER B 47 11.21 5.63 -26.90
N THR B 48 12.32 5.62 -27.63
CA THR B 48 12.70 4.49 -28.47
C THR B 48 13.63 3.53 -27.73
N ILE B 49 13.20 3.05 -26.56
CA ILE B 49 14.02 2.16 -25.75
C ILE B 49 13.57 0.70 -25.90
N VAL B 50 12.30 0.47 -26.17
CA VAL B 50 11.77 -0.86 -26.43
C VAL B 50 11.09 -0.86 -27.79
N LYS B 51 11.46 -1.81 -28.64
CA LYS B 51 10.88 -1.90 -29.98
C LYS B 51 9.49 -2.52 -29.91
N GLY B 68 -1.94 13.33 -21.33
CA GLY B 68 -0.68 13.56 -20.66
C GLY B 68 0.03 12.28 -20.26
N ILE B 69 -0.48 11.15 -20.73
CA ILE B 69 0.10 9.85 -20.46
C ILE B 69 0.29 9.12 -21.78
N PHE B 70 1.40 8.37 -21.88
CA PHE B 70 1.73 7.61 -23.07
C PHE B 70 2.03 6.18 -22.65
N GLU B 71 0.99 5.34 -22.66
CA GLU B 71 1.13 3.94 -22.25
C GLU B 71 1.42 3.06 -23.45
N THR B 72 2.36 2.14 -23.27
CA THR B 72 2.73 1.18 -24.30
C THR B 72 2.69 -0.23 -23.72
N LYS B 73 2.27 -1.17 -24.55
CA LYS B 73 2.11 -2.57 -24.17
C LYS B 73 3.07 -3.45 -24.94
N PHE B 74 3.84 -4.27 -24.22
CA PHE B 74 4.68 -5.28 -24.85
C PHE B 74 4.62 -6.54 -24.00
N GLN B 75 4.85 -7.67 -24.66
CA GLN B 75 4.78 -8.98 -24.01
C GLN B 75 6.03 -9.78 -24.34
N VAL B 76 6.67 -10.32 -23.30
CA VAL B 76 7.85 -11.17 -23.45
C VAL B 76 7.68 -12.37 -22.52
N ASP B 77 7.96 -13.56 -23.05
CA ASP B 77 7.85 -14.81 -22.28
C ASP B 77 6.46 -14.99 -21.70
N LYS B 78 5.43 -14.67 -22.50
CA LYS B 78 4.03 -14.83 -22.13
C LYS B 78 3.67 -14.02 -20.89
N VAL B 79 4.34 -12.89 -20.68
CA VAL B 79 4.08 -12.01 -19.55
C VAL B 79 3.80 -10.61 -20.09
N ASN B 80 2.72 -10.00 -19.60
CA ASN B 80 2.27 -8.70 -20.08
C ASN B 80 2.92 -7.59 -19.25
N PHE B 81 3.55 -6.64 -19.94
CA PHE B 81 4.15 -5.47 -19.31
C PHE B 81 3.44 -4.21 -19.78
N HIS B 82 3.30 -3.25 -18.87
CA HIS B 82 2.61 -2.00 -19.16
C HIS B 82 3.54 -0.84 -18.76
N MET B 83 4.14 -0.19 -19.75
CA MET B 83 5.06 0.91 -19.51
C MET B 83 4.34 2.25 -19.66
N PHE B 84 4.60 3.16 -18.73
CA PHE B 84 3.93 4.45 -18.69
C PHE B 84 4.96 5.58 -18.76
N ASP B 85 4.79 6.47 -19.74
CA ASP B 85 5.62 7.65 -19.88
C ASP B 85 4.72 8.88 -19.74
N VAL B 86 5.13 9.82 -18.91
CA VAL B 86 4.35 11.02 -18.61
C VAL B 86 5.01 12.21 -19.28
N GLY B 87 4.25 12.92 -20.10
CA GLY B 87 4.74 14.09 -20.79
C GLY B 87 3.65 15.10 -21.12
N ARG B 93 6.49 17.15 -11.53
CA ARG B 93 6.85 15.74 -11.36
C ARG B 93 6.81 15.36 -9.89
N ARG B 94 6.92 16.37 -9.03
CA ARG B 94 7.00 16.14 -7.59
C ARG B 94 5.67 15.73 -6.97
N LYS B 95 4.57 15.80 -7.71
CA LYS B 95 3.25 15.51 -7.16
C LYS B 95 2.58 14.30 -7.79
N TRP B 96 2.60 14.18 -9.12
CA TRP B 96 1.96 13.03 -9.75
C TRP B 96 2.79 11.76 -9.64
N ILE B 97 4.02 11.85 -9.13
CA ILE B 97 4.85 10.66 -8.96
C ILE B 97 4.30 9.73 -7.89
N GLN B 98 3.38 10.22 -7.05
CA GLN B 98 2.79 9.37 -6.01
C GLN B 98 1.95 8.26 -6.62
N CYS B 99 1.43 8.47 -7.83
CA CYS B 99 0.57 7.47 -8.47
C CYS B 99 1.34 6.19 -8.76
N PHE B 100 2.64 6.29 -9.06
CA PHE B 100 3.45 5.12 -9.39
C PHE B 100 4.14 4.58 -8.13
N ASN B 101 3.32 4.26 -7.13
CA ASN B 101 3.80 3.71 -5.88
C ASN B 101 3.87 2.19 -5.89
N ASP B 102 3.04 1.54 -6.70
CA ASP B 102 2.98 0.08 -6.75
C ASP B 102 3.54 -0.50 -8.05
N VAL B 103 4.30 0.29 -8.81
CA VAL B 103 4.89 -0.22 -10.03
C VAL B 103 5.92 -1.28 -9.69
N THR B 104 6.11 -2.24 -10.60
CA THR B 104 7.09 -3.30 -10.37
C THR B 104 8.50 -2.75 -10.34
N ALA B 105 8.84 -1.88 -11.30
CA ALA B 105 10.18 -1.30 -11.38
C ALA B 105 10.10 0.01 -12.15
N ILE B 106 11.16 0.80 -12.01
CA ILE B 106 11.30 2.07 -12.72
C ILE B 106 12.42 1.93 -13.73
N ILE B 107 12.16 2.31 -14.97
CA ILE B 107 13.17 2.31 -16.02
C ILE B 107 13.69 3.73 -16.17
N PHE B 108 14.99 3.90 -15.96
CA PHE B 108 15.65 5.20 -16.09
C PHE B 108 16.62 5.15 -17.25
N VAL B 109 16.52 6.15 -18.13
CA VAL B 109 17.34 6.23 -19.34
C VAL B 109 18.12 7.53 -19.30
N VAL B 110 19.43 7.44 -19.48
CA VAL B 110 20.31 8.60 -19.49
C VAL B 110 21.04 8.65 -20.82
N ASP B 111 21.54 9.83 -21.17
CA ASP B 111 22.36 10.02 -22.35
C ASP B 111 23.81 10.17 -21.89
N SER B 112 24.56 9.08 -22.02
CA SER B 112 25.96 9.07 -21.61
C SER B 112 26.88 9.69 -22.66
N SER B 113 26.35 10.05 -23.82
CA SER B 113 27.19 10.65 -24.86
C SER B 113 27.64 12.06 -24.46
N ASP B 114 26.72 12.88 -24.00
CA ASP B 114 27.03 14.26 -23.60
C ASP B 114 27.36 14.31 -22.12
N TYR B 115 28.20 15.28 -21.74
CA TYR B 115 28.64 15.41 -20.36
C TYR B 115 28.14 16.66 -19.67
N ASN B 116 27.74 17.69 -20.42
CA ASN B 116 27.18 18.89 -19.80
C ASN B 116 25.89 18.58 -19.06
N ARG B 117 25.05 17.73 -19.64
CA ARG B 117 23.78 17.35 -19.02
C ARG B 117 23.88 16.07 -18.21
N LEU B 118 25.06 15.45 -18.14
CA LEU B 118 25.19 14.21 -17.38
C LEU B 118 25.05 14.45 -15.89
N GLN B 119 25.53 15.59 -15.40
CA GLN B 119 25.34 15.94 -13.99
C GLN B 119 23.85 16.14 -13.69
N GLU B 120 23.10 16.68 -14.65
CA GLU B 120 21.66 16.79 -14.48
C GLU B 120 21.01 15.42 -14.37
N ALA B 121 21.47 14.46 -15.17
CA ALA B 121 20.97 13.10 -15.05
C ALA B 121 21.32 12.50 -13.69
N LEU B 122 22.52 12.76 -13.20
CA LEU B 122 22.92 12.28 -11.89
C LEU B 122 22.02 12.86 -10.79
N ASN B 123 21.73 14.16 -10.87
CA ASN B 123 20.86 14.80 -9.88
C ASN B 123 19.45 14.24 -9.96
N ASP B 124 18.95 14.00 -11.18
CA ASP B 124 17.62 13.41 -11.33
C ASP B 124 17.56 12.02 -10.74
N PHE B 125 18.62 11.22 -10.97
CA PHE B 125 18.67 9.88 -10.37
C PHE B 125 18.72 9.97 -8.85
N LYS B 126 19.47 10.93 -8.30
CA LYS B 126 19.50 11.12 -6.86
C LYS B 126 18.12 11.46 -6.31
N SER B 127 17.42 12.38 -6.96
CA SER B 127 16.10 12.78 -6.48
C SER B 127 15.11 11.63 -6.61
N ILE B 128 15.23 10.81 -7.65
CA ILE B 128 14.35 9.66 -7.81
C ILE B 128 14.63 8.61 -6.75
N TRP B 129 15.92 8.32 -6.50
CA TRP B 129 16.29 7.31 -5.52
C TRP B 129 15.87 7.70 -4.11
N ASN B 130 16.06 8.98 -3.75
CA ASN B 130 15.76 9.44 -2.41
C ASN B 130 14.30 9.86 -2.24
N ASN B 131 13.47 9.67 -3.25
CA ASN B 131 12.05 10.00 -3.14
C ASN B 131 11.39 9.07 -2.12
N ARG B 132 10.52 9.66 -1.28
CA ARG B 132 9.87 8.90 -0.22
C ARG B 132 8.91 7.86 -0.78
N TRP B 133 8.20 8.20 -1.85
CA TRP B 133 7.22 7.27 -2.41
C TRP B 133 7.89 6.13 -3.18
N LEU B 134 9.09 6.36 -3.70
CA LEU B 134 9.82 5.35 -4.46
C LEU B 134 10.98 4.78 -3.67
N ARG B 135 10.84 4.65 -2.35
CA ARG B 135 11.89 4.11 -1.51
C ARG B 135 11.89 2.58 -1.49
N THR B 136 10.84 1.95 -2.01
CA THR B 136 10.75 0.49 -2.06
C THR B 136 10.67 -0.04 -3.50
N ILE B 137 10.83 0.83 -4.49
CA ILE B 137 10.70 0.47 -5.89
C ILE B 137 12.09 0.38 -6.50
N SER B 138 12.40 -0.77 -7.09
CA SER B 138 13.70 -0.94 -7.73
C SER B 138 13.75 -0.19 -9.05
N VAL B 139 14.95 0.20 -9.45
CA VAL B 139 15.16 1.00 -10.66
C VAL B 139 16.03 0.22 -11.62
N ILE B 140 15.58 0.11 -12.87
CA ILE B 140 16.37 -0.44 -13.96
C ILE B 140 16.99 0.73 -14.70
N LEU B 141 18.31 0.75 -14.79
CA LEU B 141 19.05 1.89 -15.34
C LEU B 141 19.60 1.51 -16.71
N PHE B 142 19.25 2.30 -17.72
CA PHE B 142 19.73 2.11 -19.08
C PHE B 142 20.63 3.29 -19.44
N LEU B 143 21.92 3.05 -19.57
CA LEU B 143 22.87 4.06 -20.00
C LEU B 143 22.86 4.07 -21.52
N ASN B 144 21.95 4.86 -22.09
CA ASN B 144 21.69 4.83 -23.52
C ASN B 144 22.81 5.52 -24.30
N LYS B 145 22.80 5.29 -25.61
CA LYS B 145 23.68 5.96 -26.57
C LYS B 145 25.15 5.73 -26.22
N GLN B 146 25.53 4.46 -26.13
CA GLN B 146 26.92 4.12 -25.82
C GLN B 146 27.81 4.19 -27.06
N ASP B 147 27.23 4.04 -28.26
CA ASP B 147 28.02 4.20 -29.48
C ASP B 147 28.53 5.62 -29.62
N LEU B 148 27.68 6.61 -29.35
CA LEU B 148 28.13 8.00 -29.37
C LEU B 148 29.16 8.26 -28.28
N LEU B 149 29.00 7.60 -27.13
CA LEU B 149 30.01 7.70 -26.08
C LEU B 149 31.37 7.20 -26.58
N ALA B 150 31.37 6.05 -27.25
CA ALA B 150 32.63 5.52 -27.80
C ALA B 150 33.23 6.46 -28.83
N GLU B 151 32.39 7.00 -29.73
CA GLU B 151 32.90 7.92 -30.75
C GLU B 151 33.49 9.17 -30.10
N LYS B 152 32.81 9.72 -29.10
CA LYS B 152 33.29 10.93 -28.44
C LYS B 152 34.60 10.68 -27.69
N VAL B 153 34.68 9.55 -26.98
CA VAL B 153 35.89 9.28 -26.19
C VAL B 153 37.06 8.95 -27.10
N LEU B 154 36.79 8.37 -28.28
CA LEU B 154 37.87 8.12 -29.22
C LEU B 154 38.30 9.40 -29.93
N ALA B 155 37.37 10.33 -30.16
CA ALA B 155 37.72 11.58 -30.83
C ALA B 155 38.71 12.39 -30.02
N GLY B 156 38.48 12.51 -28.71
CA GLY B 156 39.37 13.24 -27.82
C GLY B 156 39.12 14.73 -27.76
N LYS B 157 38.18 15.26 -28.56
CA LYS B 157 37.89 16.69 -28.51
C LYS B 157 37.31 17.09 -27.16
N SER B 158 36.42 16.27 -26.61
CA SER B 158 35.80 16.52 -25.32
C SER B 158 36.34 15.53 -24.30
N LYS B 159 36.76 16.03 -23.15
CA LYS B 159 37.34 15.21 -22.09
C LYS B 159 36.38 15.15 -20.91
N ILE B 160 36.23 13.94 -20.35
CA ILE B 160 35.35 13.76 -19.20
C ILE B 160 35.90 14.50 -17.99
N GLU B 161 37.23 14.62 -17.89
CA GLU B 161 37.84 15.31 -16.76
C GLU B 161 37.43 16.77 -16.67
N ASP B 162 37.01 17.37 -17.79
CA ASP B 162 36.52 18.75 -17.74
C ASP B 162 35.26 18.86 -16.90
N TYR B 163 34.39 17.86 -16.98
CA TYR B 163 33.14 17.85 -16.23
C TYR B 163 33.24 17.00 -14.95
N PHE B 164 34.08 15.97 -14.96
CA PHE B 164 34.28 15.11 -13.79
C PHE B 164 35.78 15.02 -13.54
N PRO B 165 36.34 15.93 -12.73
CA PRO B 165 37.80 15.91 -12.50
C PRO B 165 38.29 14.65 -11.84
N GLU B 166 37.42 13.91 -11.15
CA GLU B 166 37.81 12.65 -10.52
C GLU B 166 38.07 11.54 -11.54
N PHE B 167 37.72 11.75 -12.82
CA PHE B 167 37.98 10.74 -13.83
C PHE B 167 39.48 10.62 -14.12
N ALA B 168 40.21 11.73 -14.05
CA ALA B 168 41.64 11.70 -14.34
C ALA B 168 42.37 10.80 -13.35
N ARG B 169 41.95 10.77 -12.10
CA ARG B 169 42.53 9.91 -11.09
C ARG B 169 41.87 8.53 -11.05
N TYR B 170 40.89 8.27 -11.91
CA TYR B 170 40.18 7.01 -11.92
C TYR B 170 40.92 6.00 -12.82
N THR B 171 40.96 4.75 -12.37
CA THR B 171 41.58 3.66 -13.10
C THR B 171 40.62 2.49 -13.17
N THR B 172 40.53 1.87 -14.33
CA THR B 172 39.62 0.74 -14.50
C THR B 172 40.08 -0.44 -13.63
N PRO B 173 39.13 -1.22 -13.08
CA PRO B 173 39.48 -2.39 -12.27
C PRO B 173 40.10 -3.51 -13.10
N ASP B 183 38.55 -0.73 -27.20
CA ASP B 183 39.58 0.20 -26.72
C ASP B 183 39.45 0.38 -25.21
N PRO B 184 40.59 0.34 -24.51
CA PRO B 184 40.54 0.45 -23.04
C PRO B 184 39.90 1.73 -22.53
N ARG B 185 40.09 2.85 -23.24
CA ARG B 185 39.55 4.12 -22.74
C ARG B 185 38.02 4.14 -22.82
N VAL B 186 37.44 3.45 -23.81
CA VAL B 186 35.98 3.36 -23.89
C VAL B 186 35.43 2.64 -22.67
N THR B 187 36.04 1.51 -22.32
CA THR B 187 35.62 0.78 -21.13
C THR B 187 35.83 1.61 -19.88
N ARG B 188 36.96 2.32 -19.80
CA ARG B 188 37.21 3.20 -18.66
C ARG B 188 36.10 4.22 -18.49
N ALA B 189 35.73 4.91 -19.58
CA ALA B 189 34.71 5.94 -19.51
C ALA B 189 33.35 5.36 -19.12
N LYS B 190 32.93 4.29 -19.80
CA LYS B 190 31.61 3.75 -19.53
C LYS B 190 31.52 3.18 -18.11
N TYR B 191 32.58 2.50 -17.65
CA TYR B 191 32.58 1.97 -16.30
C TYR B 191 32.65 3.08 -15.26
N PHE B 192 33.32 4.19 -15.58
CA PHE B 192 33.34 5.33 -14.67
C PHE B 192 31.95 5.93 -14.51
N ILE B 193 31.22 6.10 -15.62
CA ILE B 193 29.87 6.65 -15.55
C ILE B 193 28.96 5.70 -14.78
N ARG B 194 29.04 4.40 -15.07
CA ARG B 194 28.22 3.43 -14.36
C ARG B 194 28.58 3.41 -12.88
N LYS B 195 29.86 3.55 -12.55
CA LYS B 195 30.28 3.59 -11.15
C LYS B 195 29.69 4.80 -10.45
N GLU B 196 29.68 5.96 -11.11
CA GLU B 196 29.05 7.13 -10.50
C GLU B 196 27.58 6.90 -10.23
N PHE B 197 26.86 6.33 -11.20
CA PHE B 197 25.43 6.12 -11.01
C PHE B 197 25.16 5.12 -9.88
N VAL B 198 25.92 4.03 -9.83
CA VAL B 198 25.67 3.05 -8.77
C VAL B 198 26.15 3.57 -7.42
N ASP B 199 27.18 4.41 -7.39
CA ASP B 199 27.59 5.04 -6.14
C ASP B 199 26.49 5.94 -5.60
N ILE B 200 25.83 6.69 -6.49
CA ILE B 200 24.64 7.43 -6.08
C ILE B 200 23.56 6.47 -5.56
N SER B 201 23.38 5.34 -6.24
CA SER B 201 22.32 4.41 -5.88
C SER B 201 22.54 3.81 -4.49
N THR B 202 23.77 3.44 -4.16
CA THR B 202 24.06 2.73 -2.92
C THR B 202 24.23 3.64 -1.71
N ALA B 203 24.17 4.96 -1.89
CA ALA B 203 24.29 5.87 -0.76
C ALA B 203 23.10 5.78 0.19
N SER B 204 22.00 5.15 -0.25
CA SER B 204 20.81 5.02 0.58
C SER B 204 20.03 3.81 0.10
N GLY B 205 19.08 3.37 0.93
CA GLY B 205 18.23 2.25 0.59
C GLY B 205 18.38 1.07 1.51
N ASP B 206 19.62 0.77 1.90
CA ASP B 206 19.93 -0.34 2.81
C ASP B 206 19.40 -1.67 2.29
N GLY B 207 19.43 -1.88 0.98
CA GLY B 207 19.02 -3.13 0.38
C GLY B 207 17.53 -3.29 0.18
N ARG B 208 16.72 -2.29 0.54
CA ARG B 208 15.28 -2.39 0.30
C ARG B 208 14.96 -2.38 -1.18
N HIS B 209 15.79 -1.73 -1.99
CA HIS B 209 15.65 -1.73 -3.44
C HIS B 209 17.01 -1.45 -4.05
N ILE B 210 17.30 -2.14 -5.15
CA ILE B 210 18.60 -2.06 -5.80
C ILE B 210 18.43 -1.54 -7.22
N CYS B 211 19.54 -1.16 -7.83
CA CYS B 211 19.56 -0.60 -9.17
C CYS B 211 20.26 -1.56 -10.12
N TYR B 212 19.66 -1.74 -11.30
CA TYR B 212 20.21 -2.65 -12.31
C TYR B 212 20.73 -1.82 -13.48
N PRO B 213 22.05 -1.61 -13.58
CA PRO B 213 22.58 -0.81 -14.68
C PRO B 213 22.82 -1.62 -15.93
N HIS B 214 22.42 -1.07 -17.07
CA HIS B 214 22.60 -1.71 -18.36
C HIS B 214 23.16 -0.70 -19.36
N PHE B 215 23.91 -1.20 -20.33
CA PHE B 215 24.45 -0.40 -21.42
C PHE B 215 23.57 -0.61 -22.65
N THR B 216 23.06 0.47 -23.21
CA THR B 216 22.14 0.41 -24.34
C THR B 216 22.65 1.28 -25.48
N CYS B 217 22.52 0.77 -26.70
CA CYS B 217 22.93 1.52 -27.88
C CYS B 217 21.78 2.40 -28.38
N VAL B 219 19.17 1.21 -30.62
CA VAL B 219 19.62 0.31 -31.66
C VAL B 219 19.57 -1.13 -31.18
N ASP B 220 19.84 -1.33 -29.90
CA ASP B 220 19.78 -2.66 -29.31
C ASP B 220 18.34 -3.15 -29.23
N THR B 221 18.16 -4.45 -29.46
CA THR B 221 16.83 -5.07 -29.48
C THR B 221 16.62 -6.07 -28.35
N GLU B 222 17.47 -6.06 -27.33
CA GLU B 222 17.38 -6.99 -26.22
C GLU B 222 16.96 -6.32 -24.91
N ASN B 223 16.44 -5.09 -24.97
CA ASN B 223 16.09 -4.38 -23.73
C ASN B 223 14.86 -4.97 -23.07
N ALA B 224 13.92 -5.50 -23.87
CA ALA B 224 12.74 -6.12 -23.28
C ALA B 224 13.11 -7.33 -22.44
N ARG B 225 14.04 -8.15 -22.93
CA ARG B 225 14.49 -9.30 -22.14
C ARG B 225 15.19 -8.86 -20.87
N ARG B 226 15.97 -7.77 -20.94
CA ARG B 226 16.65 -7.25 -19.75
C ARG B 226 15.63 -6.81 -18.71
N ILE B 227 14.59 -6.07 -19.15
CA ILE B 227 13.55 -5.63 -18.24
C ILE B 227 12.81 -6.81 -17.64
N PHE B 228 12.53 -7.82 -18.48
CA PHE B 228 11.84 -9.02 -17.99
C PHE B 228 12.65 -9.73 -16.91
N ASN B 229 13.94 -9.91 -17.16
CA ASN B 229 14.80 -10.60 -16.19
C ASN B 229 14.92 -9.79 -14.90
N ASP B 230 15.08 -8.47 -15.01
CA ASP B 230 15.20 -7.64 -13.82
C ASP B 230 13.91 -7.66 -13.01
N CYS B 231 12.77 -7.60 -13.68
CA CYS B 231 11.49 -7.65 -12.97
C CYS B 231 11.26 -9.02 -12.33
N LYS B 232 11.69 -10.09 -13.00
CA LYS B 232 11.57 -11.41 -12.40
C LYS B 232 12.44 -11.52 -11.15
N ASP B 233 13.65 -10.97 -11.19
CA ASP B 233 14.51 -10.96 -10.00
C ASP B 233 13.88 -10.13 -8.89
N ILE B 234 13.29 -8.99 -9.23
CA ILE B 234 12.65 -8.14 -8.24
C ILE B 234 11.49 -8.86 -7.57
N ILE B 235 10.66 -9.54 -8.37
CA ILE B 235 9.52 -10.27 -7.83
C ILE B 235 9.99 -11.45 -6.99
N LEU B 236 11.07 -12.12 -7.40
CA LEU B 236 11.63 -13.20 -6.59
C LEU B 236 12.08 -12.68 -5.24
N GLN B 237 12.75 -11.52 -5.22
CA GLN B 237 13.16 -10.93 -3.95
C GLN B 237 11.96 -10.54 -3.10
N MET B 238 10.91 -10.01 -3.73
CA MET B 238 9.69 -9.67 -2.99
C MET B 238 9.05 -10.90 -2.38
N ASN B 239 9.02 -12.01 -3.12
CA ASN B 239 8.46 -13.25 -2.59
C ASN B 239 9.32 -13.79 -1.46
N LEU B 240 10.64 -13.70 -1.58
CA LEU B 240 11.52 -14.13 -0.49
C LEU B 240 11.27 -13.30 0.76
N ARG B 241 11.10 -11.99 0.61
CA ARG B 241 10.82 -11.14 1.76
C ARG B 241 9.46 -11.45 2.37
N GLU B 242 8.45 -11.70 1.54
CA GLU B 242 7.10 -11.89 2.05
C GLU B 242 6.88 -13.29 2.59
N TYR B 243 7.77 -14.23 2.26
CA TYR B 243 7.67 -15.60 2.75
C TYR B 243 8.62 -15.87 3.91
N ASN B 244 9.18 -14.82 4.51
CA ASN B 244 10.07 -14.92 5.67
C ASN B 244 11.36 -15.69 5.38
N LEU B 245 11.72 -15.81 4.11
CA LEU B 245 12.97 -16.47 3.74
C LEU B 245 14.16 -15.53 3.78
N VAL B 246 13.93 -14.22 3.89
CA VAL B 246 15.02 -13.26 4.00
C VAL B 246 14.54 -12.05 4.79
N GLU C 8 6.96 50.71 -15.51
CA GLU C 8 8.29 50.21 -15.14
C GLU C 8 8.16 49.11 -14.10
N LEU C 9 8.99 48.06 -14.24
CA LEU C 9 8.86 46.89 -13.37
C LEU C 9 9.22 47.21 -11.92
N ASP C 10 10.25 48.03 -11.71
CA ASP C 10 10.70 48.30 -10.35
C ASP C 10 9.66 49.08 -9.56
N GLN C 11 9.08 50.11 -10.16
CA GLN C 11 8.05 50.88 -9.46
C GLN C 11 6.79 50.06 -9.25
N LEU C 12 6.46 49.18 -10.21
CA LEU C 12 5.34 48.27 -10.03
C LEU C 12 5.58 47.34 -8.84
N ARG C 13 6.80 46.81 -8.71
CA ARG C 13 7.11 45.95 -7.58
C ARG C 13 7.06 46.72 -6.27
N GLN C 14 7.53 47.98 -6.27
CA GLN C 14 7.49 48.78 -5.06
C GLN C 14 6.06 49.05 -4.61
N GLU C 15 5.18 49.43 -5.55
CA GLU C 15 3.80 49.69 -5.15
C GLU C 15 3.09 48.40 -4.77
N ALA C 16 3.44 47.28 -5.43
CA ALA C 16 2.87 45.99 -5.05
C ALA C 16 3.26 45.61 -3.63
N GLU C 17 4.52 45.80 -3.26
CA GLU C 17 4.95 45.43 -1.91
C GLU C 17 4.37 46.37 -0.88
N GLN C 18 4.23 47.67 -1.20
CA GLN C 18 3.64 48.58 -0.22
C GLN C 18 2.14 48.29 -0.04
N LEU C 19 1.44 47.91 -1.10
CA LEU C 19 0.03 47.55 -0.94
C LEU C 19 -0.11 46.22 -0.22
N LYS C 20 0.83 45.31 -0.41
CA LYS C 20 0.84 44.08 0.38
C LYS C 20 1.04 44.40 1.86
N ASN C 21 1.95 45.33 2.16
CA ASN C 21 2.16 45.73 3.55
C ASN C 21 0.90 46.36 4.14
N GLN C 22 0.23 47.22 3.37
CA GLN C 22 -0.96 47.88 3.90
C GLN C 22 -2.11 46.88 4.06
N ILE C 23 -2.24 45.90 3.17
CA ILE C 23 -3.29 44.91 3.31
C ILE C 23 -3.00 44.01 4.52
N ARG C 24 -1.73 43.68 4.76
CA ARG C 24 -1.39 42.91 5.95
C ARG C 24 -1.68 43.70 7.22
N ASP C 25 -1.37 45.01 7.21
CA ASP C 25 -1.66 45.84 8.37
C ASP C 25 -3.15 45.94 8.63
N ALA C 26 -3.95 46.09 7.57
CA ALA C 26 -5.41 46.12 7.74
C ALA C 26 -5.91 44.78 8.28
N ARG C 27 -5.37 43.67 7.76
CA ARG C 27 -5.77 42.35 8.25
C ARG C 27 -5.44 42.19 9.73
N LYS C 28 -4.26 42.65 10.15
CA LYS C 28 -3.91 42.57 11.56
C LYS C 28 -4.79 43.48 12.41
N ALA C 29 -5.13 44.67 11.91
CA ALA C 29 -5.97 45.59 12.65
C ALA C 29 -7.38 45.04 12.83
N CYS C 30 -7.88 44.32 11.83
CA CYS C 30 -9.20 43.70 11.95
C CYS C 30 -9.24 42.57 12.98
N ALA C 31 -8.09 42.12 13.46
CA ALA C 31 -8.04 41.04 14.44
C ALA C 31 -8.15 41.61 15.85
N ASP C 32 -9.22 41.25 16.55
CA ASP C 32 -9.44 41.67 17.93
C ASP C 32 -8.93 40.63 18.93
N ALA C 33 -9.44 39.40 18.84
CA ALA C 33 -9.06 38.34 19.76
C ALA C 33 -8.96 37.03 19.00
N THR C 34 -8.18 36.10 19.55
CA THR C 34 -7.98 34.81 18.92
C THR C 34 -9.24 33.94 19.04
N LEU C 35 -9.28 32.88 18.24
CA LEU C 35 -10.43 31.98 18.26
C LEU C 35 -10.53 31.25 19.60
N SER C 36 -9.39 30.84 20.16
CA SER C 36 -9.41 30.07 21.41
C SER C 36 -9.92 30.91 22.58
N GLN C 37 -9.58 32.19 22.61
CA GLN C 37 -10.01 33.04 23.72
C GLN C 37 -11.52 33.13 23.79
N ILE C 38 -12.18 33.32 22.64
CA ILE C 38 -13.63 33.35 22.62
C ILE C 38 -14.21 31.95 22.87
N THR C 39 -13.63 30.94 22.22
CA THR C 39 -14.06 29.55 22.43
C THR C 39 -13.24 28.87 23.52
N ASN C 40 -13.11 29.50 24.68
CA ASN C 40 -12.47 28.88 25.83
C ASN C 40 -13.47 28.32 26.83
N ASN C 41 -14.67 28.90 26.89
CA ASN C 41 -15.70 28.46 27.81
C ASN C 41 -16.60 27.37 27.24
N ILE C 42 -16.41 26.99 25.98
CA ILE C 42 -17.26 25.97 25.37
C ILE C 42 -16.95 24.61 25.95
N ASP C 43 -17.97 23.76 26.06
CA ASP C 43 -17.77 22.45 26.65
C ASP C 43 -17.10 21.54 25.62
N PRO C 44 -15.93 20.98 25.94
CA PRO C 44 -15.23 20.13 24.96
C PRO C 44 -16.06 18.92 24.56
N VAL C 45 -15.95 18.56 23.28
CA VAL C 45 -16.73 17.44 22.76
C VAL C 45 -16.27 16.13 23.37
N GLY C 46 -15.01 16.06 23.83
CA GLY C 46 -14.51 14.86 24.43
C GLY C 46 -14.13 13.79 23.41
N ARG C 47 -13.69 12.65 23.94
CA ARG C 47 -13.31 11.53 23.10
C ARG C 47 -14.53 11.00 22.35
N ILE C 48 -14.35 10.77 21.04
CA ILE C 48 -15.40 10.25 20.17
C ILE C 48 -14.89 8.95 19.56
N GLN C 49 -15.69 7.91 19.64
CA GLN C 49 -15.35 6.58 19.12
C GLN C 49 -16.17 6.29 17.88
N MET C 50 -15.51 5.82 16.83
CA MET C 50 -16.16 5.46 15.58
C MET C 50 -15.79 4.03 15.22
N ARG C 51 -16.79 3.23 14.88
CA ARG C 51 -16.61 1.84 14.51
C ARG C 51 -16.91 1.65 13.03
N THR C 52 -16.16 0.76 12.39
CA THR C 52 -16.33 0.49 10.95
C THR C 52 -17.62 -0.30 10.76
N ARG C 53 -18.70 0.42 10.44
CA ARG C 53 -19.99 -0.24 10.23
C ARG C 53 -19.95 -1.13 9.00
N ARG C 54 -19.42 -0.63 7.89
CA ARG C 54 -19.29 -1.39 6.67
C ARG C 54 -17.87 -1.26 6.13
N THR C 55 -17.40 -2.33 5.47
CA THR C 55 -16.12 -2.33 4.79
C THR C 55 -16.40 -2.72 3.34
N LEU C 56 -16.35 -1.75 2.44
CA LEU C 56 -16.67 -1.98 1.05
C LEU C 56 -15.45 -2.51 0.31
N ARG C 57 -15.52 -3.77 -0.11
CA ARG C 57 -14.42 -4.45 -0.77
C ARG C 57 -14.76 -4.72 -2.24
N GLY C 58 -13.74 -4.73 -3.07
CA GLY C 58 -13.94 -4.97 -4.49
C GLY C 58 -12.99 -4.20 -5.39
N HIS C 59 -12.32 -3.19 -4.84
CA HIS C 59 -11.35 -2.41 -5.59
C HIS C 59 -10.02 -3.15 -5.60
N LEU C 60 -9.28 -3.00 -6.71
CA LEU C 60 -8.03 -3.74 -6.86
C LEU C 60 -6.83 -2.92 -6.36
N ALA C 61 -6.60 -1.76 -6.95
CA ALA C 61 -5.44 -0.93 -6.64
C ALA C 61 -5.84 0.15 -5.63
N LYS C 62 -4.90 1.04 -5.34
CA LYS C 62 -5.14 2.06 -4.33
C LYS C 62 -6.24 3.02 -4.76
N ILE C 63 -6.93 3.58 -3.78
CA ILE C 63 -8.10 4.43 -3.99
C ILE C 63 -7.73 5.87 -3.68
N TYR C 64 -8.01 6.77 -4.62
CA TYR C 64 -7.67 8.18 -4.48
C TYR C 64 -8.84 9.07 -4.08
N ALA C 65 -10.05 8.83 -4.58
CA ALA C 65 -11.16 9.72 -4.31
C ALA C 65 -12.45 8.94 -4.12
N MET C 66 -13.38 9.56 -3.40
CA MET C 66 -14.74 9.08 -3.26
C MET C 66 -15.65 10.29 -3.09
N HIS C 67 -16.95 10.07 -3.31
CA HIS C 67 -17.92 11.15 -3.18
C HIS C 67 -19.28 10.56 -2.84
N TRP C 68 -19.94 11.14 -1.85
CA TRP C 68 -21.29 10.73 -1.50
C TRP C 68 -22.30 11.40 -2.42
N GLY C 69 -23.41 10.69 -2.66
CA GLY C 69 -24.54 11.29 -3.33
C GLY C 69 -25.39 12.10 -2.37
N THR C 70 -26.27 12.92 -2.94
CA THR C 70 -27.18 13.71 -2.11
C THR C 70 -28.11 12.82 -1.30
N ASP C 71 -28.49 11.67 -1.86
CA ASP C 71 -29.37 10.73 -1.18
C ASP C 71 -28.73 10.11 0.07
N SER C 72 -27.40 10.23 0.21
CA SER C 72 -26.65 9.71 1.35
C SER C 72 -26.64 8.19 1.39
N ARG C 73 -27.31 7.56 0.43
CA ARG C 73 -27.30 6.11 0.32
C ARG C 73 -26.21 5.64 -0.62
N LEU C 74 -26.10 6.27 -1.79
CA LEU C 74 -25.16 5.87 -2.82
C LEU C 74 -23.91 6.74 -2.78
N LEU C 75 -22.79 6.16 -3.19
CA LEU C 75 -21.53 6.87 -3.27
C LEU C 75 -20.67 6.25 -4.36
N VAL C 76 -19.80 7.07 -4.95
CA VAL C 76 -18.94 6.66 -6.05
C VAL C 76 -17.48 6.73 -5.58
N SER C 77 -16.71 5.69 -5.89
CA SER C 77 -15.31 5.64 -5.53
C SER C 77 -14.48 5.31 -6.76
N ALA C 78 -13.28 5.90 -6.82
CA ALA C 78 -12.37 5.73 -7.94
C ALA C 78 -11.06 5.12 -7.46
N SER C 79 -10.55 4.15 -8.21
CA SER C 79 -9.33 3.44 -7.85
C SER C 79 -8.37 3.47 -9.02
N GLN C 80 -7.08 3.33 -8.69
CA GLN C 80 -6.03 3.36 -9.70
C GLN C 80 -6.00 2.09 -10.56
N ASP C 81 -6.89 1.13 -10.31
CA ASP C 81 -6.99 -0.03 -11.20
C ASP C 81 -7.88 0.25 -12.40
N GLY C 82 -8.28 1.51 -12.56
CA GLY C 82 -9.14 1.92 -13.66
C GLY C 82 -10.56 1.41 -13.54
N LYS C 83 -11.12 1.41 -12.34
CA LYS C 83 -12.51 1.01 -12.12
C LYS C 83 -13.20 2.08 -11.29
N LEU C 84 -14.41 2.45 -11.69
CA LEU C 84 -15.24 3.41 -10.98
C LEU C 84 -16.48 2.68 -10.50
N ILE C 85 -16.55 2.42 -9.19
CA ILE C 85 -17.57 1.57 -8.61
C ILE C 85 -18.52 2.44 -7.79
N ILE C 86 -19.82 2.28 -8.03
CA ILE C 86 -20.85 2.96 -7.26
C ILE C 86 -21.41 1.94 -6.27
N TRP C 87 -21.31 2.26 -4.99
CA TRP C 87 -21.73 1.35 -3.92
C TRP C 87 -23.09 1.75 -3.37
N ASP C 88 -23.68 0.83 -2.61
CA ASP C 88 -24.84 1.10 -1.77
C ASP C 88 -24.40 0.82 -0.34
N SER C 89 -24.02 1.89 0.38
CA SER C 89 -23.38 1.72 1.67
C SER C 89 -24.30 1.04 2.68
N TYR C 90 -25.61 1.09 2.46
CA TYR C 90 -26.53 0.41 3.36
C TYR C 90 -26.35 -1.10 3.30
N THR C 91 -26.22 -1.66 2.11
CA THR C 91 -26.16 -3.11 1.93
C THR C 91 -24.88 -3.62 1.29
N THR C 92 -23.91 -2.74 1.00
CA THR C 92 -22.62 -3.05 0.40
C THR C 92 -22.77 -3.49 -1.06
N ASN C 93 -23.99 -3.58 -1.57
CA ASN C 93 -24.19 -4.03 -2.95
C ASN C 93 -23.63 -3.01 -3.92
N LYS C 94 -22.89 -3.50 -4.92
CA LYS C 94 -22.29 -2.64 -5.94
C LYS C 94 -23.36 -2.31 -6.98
N VAL C 95 -23.86 -1.08 -6.96
CA VAL C 95 -24.91 -0.68 -7.89
C VAL C 95 -24.35 -0.58 -9.30
N HIS C 96 -23.16 -0.01 -9.45
CA HIS C 96 -22.54 0.15 -10.75
C HIS C 96 -21.05 -0.16 -10.65
N ALA C 97 -20.46 -0.48 -11.79
CA ALA C 97 -19.01 -0.71 -11.90
C ALA C 97 -18.60 -0.28 -13.30
N ILE C 98 -18.08 0.94 -13.41
CA ILE C 98 -17.82 1.56 -14.71
C ILE C 98 -16.34 1.40 -15.03
N PRO C 99 -15.98 0.68 -16.08
CA PRO C 99 -14.58 0.66 -16.51
C PRO C 99 -14.12 2.02 -17.01
N LEU C 100 -12.85 2.31 -16.81
CA LEU C 100 -12.28 3.61 -17.12
C LEU C 100 -11.32 3.49 -18.30
N ARG C 101 -11.38 4.47 -19.20
CA ARG C 101 -10.44 4.50 -20.32
C ARG C 101 -9.00 4.68 -19.83
N SER C 102 -8.80 5.56 -18.85
CA SER C 102 -7.49 5.82 -18.27
C SER C 102 -7.50 5.32 -16.83
N SER C 103 -6.56 4.45 -16.49
CA SER C 103 -6.47 3.85 -15.16
C SER C 103 -5.73 4.73 -14.16
N TRP C 104 -5.55 6.02 -14.45
CA TRP C 104 -4.83 6.91 -13.56
C TRP C 104 -5.76 8.00 -13.02
N VAL C 105 -6.97 7.60 -12.64
CA VAL C 105 -7.96 8.54 -12.15
C VAL C 105 -7.53 9.09 -10.79
N MET C 106 -7.64 10.41 -10.63
CA MET C 106 -7.26 11.07 -9.38
C MET C 106 -8.43 11.69 -8.63
N THR C 107 -9.61 11.79 -9.26
CA THR C 107 -10.75 12.42 -8.63
C THR C 107 -12.03 11.82 -9.18
N CYS C 108 -13.11 11.98 -8.42
CA CYS C 108 -14.42 11.54 -8.86
C CYS C 108 -15.48 12.41 -8.21
N ALA C 109 -16.66 12.41 -8.81
CA ALA C 109 -17.75 13.25 -8.33
C ALA C 109 -19.08 12.55 -8.55
N TYR C 110 -20.07 12.96 -7.77
CA TYR C 110 -21.44 12.46 -7.88
C TYR C 110 -22.36 13.67 -8.04
N ALA C 111 -23.12 13.71 -9.12
CA ALA C 111 -23.96 14.85 -9.39
C ALA C 111 -25.03 14.98 -8.31
N PRO C 112 -25.40 16.20 -7.92
CA PRO C 112 -26.46 16.35 -6.91
C PRO C 112 -27.77 15.73 -7.32
N SER C 113 -28.11 15.77 -8.62
CA SER C 113 -29.30 15.07 -9.09
C SER C 113 -29.11 13.56 -9.10
N GLY C 114 -27.87 13.07 -9.06
CA GLY C 114 -27.61 11.66 -9.08
C GLY C 114 -27.65 11.01 -10.44
N ASN C 115 -27.78 11.81 -11.50
CA ASN C 115 -27.91 11.25 -12.85
C ASN C 115 -26.57 10.95 -13.51
N TYR C 116 -25.53 11.71 -13.20
CA TYR C 116 -24.21 11.51 -13.78
C TYR C 116 -23.14 11.46 -12.71
N VAL C 117 -22.00 10.86 -13.08
CA VAL C 117 -20.78 10.90 -12.29
C VAL C 117 -19.64 11.35 -13.20
N ALA C 118 -18.58 11.85 -12.58
CA ALA C 118 -17.43 12.34 -13.31
C ALA C 118 -16.14 11.83 -12.68
N CYS C 119 -15.08 11.81 -13.48
CA CYS C 119 -13.78 11.41 -12.99
C CYS C 119 -12.70 12.01 -13.89
N GLY C 120 -11.47 12.02 -13.39
CA GLY C 120 -10.35 12.56 -14.14
C GLY C 120 -9.05 12.22 -13.45
N GLY C 121 -7.95 12.53 -14.13
CA GLY C 121 -6.64 12.23 -13.61
C GLY C 121 -5.51 12.64 -14.53
N LEU C 122 -4.53 11.76 -14.73
CA LEU C 122 -3.39 12.05 -15.57
C LEU C 122 -3.75 12.17 -17.04
N ASP C 123 -4.97 11.77 -17.44
CA ASP C 123 -5.41 11.93 -18.81
C ASP C 123 -5.75 13.37 -19.17
N ASN C 124 -5.75 14.28 -18.18
CA ASN C 124 -6.06 15.69 -18.34
C ASN C 124 -7.50 15.93 -18.79
N ILE C 125 -8.37 14.93 -18.67
CA ILE C 125 -9.71 14.99 -19.22
C ILE C 125 -10.71 14.58 -18.15
N CYS C 126 -11.80 15.34 -18.04
CA CYS C 126 -12.90 15.02 -17.14
C CYS C 126 -13.99 14.31 -17.93
N SER C 127 -14.23 13.05 -17.60
CA SER C 127 -15.21 12.23 -18.30
C SER C 127 -16.49 12.12 -17.49
N ILE C 128 -17.63 12.29 -18.17
CA ILE C 128 -18.94 12.26 -17.55
C ILE C 128 -19.67 11.01 -18.03
N TYR C 129 -20.23 10.25 -17.10
CA TYR C 129 -20.94 9.03 -17.39
C TYR C 129 -22.41 9.17 -17.01
N ASN C 130 -23.29 8.73 -17.90
CA ASN C 130 -24.73 8.79 -17.68
C ASN C 130 -25.16 7.53 -16.94
N LEU C 131 -25.63 7.70 -15.70
CA LEU C 131 -25.98 6.55 -14.87
C LEU C 131 -27.31 5.92 -15.28
N LYS C 132 -28.24 6.71 -15.78
CA LYS C 132 -29.58 6.23 -16.13
C LYS C 132 -29.73 6.22 -17.65
N THR C 133 -29.85 5.03 -18.22
CA THR C 133 -30.09 4.86 -19.64
C THR C 133 -31.20 3.83 -19.84
N ARG C 134 -31.88 3.93 -20.97
CA ARG C 134 -32.97 3.00 -21.25
C ARG C 134 -32.46 1.57 -21.45
N GLU C 135 -31.23 1.42 -21.94
CA GLU C 135 -30.67 0.10 -22.19
C GLU C 135 -30.03 -0.52 -20.95
N GLY C 136 -29.93 0.23 -19.85
CA GLY C 136 -29.38 -0.31 -18.63
C GLY C 136 -27.87 -0.38 -18.58
N ASN C 137 -27.17 0.36 -19.44
CA ASN C 137 -25.72 0.38 -19.44
C ASN C 137 -25.24 1.83 -19.33
N VAL C 138 -24.07 1.99 -18.71
CA VAL C 138 -23.48 3.31 -18.47
C VAL C 138 -22.42 3.58 -19.52
N ARG C 139 -22.52 4.73 -20.19
CA ARG C 139 -21.57 5.14 -21.21
C ARG C 139 -21.18 6.58 -20.98
N VAL C 140 -20.06 6.99 -21.60
CA VAL C 140 -19.56 8.34 -21.46
C VAL C 140 -20.54 9.32 -22.13
N SER C 141 -21.09 10.23 -21.33
CA SER C 141 -21.98 11.25 -21.89
C SER C 141 -21.20 12.34 -22.62
N ARG C 142 -20.03 12.72 -22.07
CA ARG C 142 -19.25 13.80 -22.65
C ARG C 142 -17.82 13.70 -22.15
N GLU C 143 -16.89 14.06 -23.03
CA GLU C 143 -15.48 14.17 -22.70
C GLU C 143 -15.10 15.65 -22.69
N LEU C 144 -14.56 16.12 -21.57
CA LEU C 144 -14.13 17.50 -21.42
C LEU C 144 -12.61 17.57 -21.52
N ALA C 145 -12.12 18.30 -22.51
CA ALA C 145 -10.69 18.46 -22.73
C ALA C 145 -10.35 19.94 -22.83
N GLY C 146 -9.09 20.25 -22.55
CA GLY C 146 -8.63 21.63 -22.57
C GLY C 146 -7.65 21.94 -21.46
N HIS C 147 -7.74 21.19 -20.37
CA HIS C 147 -6.79 21.36 -19.28
C HIS C 147 -5.41 20.87 -19.70
N THR C 148 -4.38 21.64 -19.35
CA THR C 148 -3.00 21.26 -19.65
C THR C 148 -2.43 20.27 -18.65
N GLY C 149 -2.78 20.41 -17.36
CA GLY C 149 -2.23 19.54 -16.34
C GLY C 149 -3.26 18.52 -15.89
N TYR C 150 -2.79 17.59 -15.06
CA TYR C 150 -3.63 16.49 -14.59
C TYR C 150 -4.75 17.02 -13.70
N LEU C 151 -5.91 16.38 -13.81
CA LEU C 151 -7.07 16.76 -13.01
C LEU C 151 -6.88 16.35 -11.55
N SER C 152 -7.21 17.27 -10.65
CA SER C 152 -7.12 17.02 -9.22
C SER C 152 -8.47 16.97 -8.52
N CYS C 153 -9.46 17.73 -8.99
CA CYS C 153 -10.78 17.74 -8.38
C CYS C 153 -11.79 18.24 -9.40
N CYS C 154 -13.05 17.90 -9.16
CA CYS C 154 -14.15 18.32 -10.02
C CYS C 154 -15.45 18.11 -9.26
N ARG C 155 -16.29 19.16 -9.24
CA ARG C 155 -17.57 19.12 -8.52
C ARG C 155 -18.67 19.62 -9.44
N PHE C 156 -19.82 18.95 -9.37
CA PHE C 156 -20.98 19.32 -10.19
C PHE C 156 -21.71 20.48 -9.53
N LEU C 157 -21.73 21.63 -10.20
CA LEU C 157 -22.62 22.72 -9.76
C LEU C 157 -24.07 22.33 -9.94
N ASP C 158 -24.40 21.74 -11.08
CA ASP C 158 -25.74 21.24 -11.38
C ASP C 158 -25.60 20.14 -12.42
N ASP C 159 -26.73 19.80 -13.06
CA ASP C 159 -26.71 18.74 -14.06
C ASP C 159 -25.96 19.14 -15.33
N ASN C 160 -25.61 20.41 -15.49
CA ASN C 160 -25.05 20.89 -16.75
C ASN C 160 -23.86 21.80 -16.51
N GLN C 161 -23.36 21.84 -15.27
CA GLN C 161 -22.19 22.66 -14.96
C GLN C 161 -21.26 21.90 -14.03
N ILE C 162 -19.96 22.10 -14.20
CA ILE C 162 -18.94 21.45 -13.38
C ILE C 162 -17.70 22.35 -13.34
N VAL C 163 -17.08 22.45 -12.17
CA VAL C 163 -15.84 23.19 -11.98
C VAL C 163 -14.72 22.19 -11.72
N THR C 164 -13.65 22.29 -12.50
CA THR C 164 -12.54 21.36 -12.43
C THR C 164 -11.25 22.10 -12.09
N SER C 165 -10.39 21.45 -11.30
CA SER C 165 -9.07 21.96 -10.97
C SER C 165 -8.02 21.01 -11.53
N SER C 166 -7.02 21.56 -12.20
CA SER C 166 -5.99 20.77 -12.84
C SER C 166 -4.61 21.17 -12.35
N GLY C 167 -3.61 20.41 -12.76
CA GLY C 167 -2.24 20.64 -12.37
C GLY C 167 -1.52 21.74 -13.13
N ASP C 168 -2.18 22.38 -14.08
CA ASP C 168 -1.59 23.51 -14.79
C ASP C 168 -1.86 24.84 -14.11
N THR C 169 -2.04 24.84 -12.78
CA THR C 169 -2.26 26.04 -11.99
C THR C 169 -3.50 26.81 -12.44
N THR C 170 -4.53 26.12 -12.92
CA THR C 170 -5.74 26.77 -13.38
C THR C 170 -6.96 26.00 -12.90
N CYS C 171 -8.09 26.70 -12.82
CA CYS C 171 -9.39 26.11 -12.56
C CYS C 171 -10.36 26.59 -13.63
N ALA C 172 -11.25 25.72 -14.07
CA ALA C 172 -12.15 26.04 -15.17
C ALA C 172 -13.57 25.65 -14.84
N LEU C 173 -14.52 26.37 -15.43
CA LEU C 173 -15.94 26.05 -15.36
C LEU C 173 -16.40 25.59 -16.74
N TRP C 174 -17.02 24.42 -16.79
CA TRP C 174 -17.33 23.75 -18.05
C TRP C 174 -18.84 23.79 -18.31
N ASP C 175 -19.20 23.25 -19.49
CA ASP C 175 -20.60 23.09 -19.88
C ASP C 175 -20.72 21.74 -20.56
N ILE C 176 -21.39 20.79 -19.88
CA ILE C 176 -21.44 19.42 -20.38
C ILE C 176 -22.17 19.36 -21.72
N GLU C 177 -23.19 20.20 -21.90
CA GLU C 177 -23.95 20.18 -23.14
C GLU C 177 -23.07 20.54 -24.35
N THR C 178 -22.21 21.54 -24.20
CA THR C 178 -21.37 21.98 -25.31
C THR C 178 -19.92 21.54 -25.19
N GLY C 179 -19.49 21.09 -24.02
CA GLY C 179 -18.11 20.66 -23.85
C GLY C 179 -17.10 21.77 -24.04
N GLN C 180 -17.38 22.96 -23.52
CA GLN C 180 -16.52 24.12 -23.67
C GLN C 180 -16.27 24.77 -22.32
N GLN C 181 -15.10 25.39 -22.19
CA GLN C 181 -14.74 26.10 -20.95
C GLN C 181 -15.47 27.42 -20.90
N THR C 182 -16.52 27.48 -20.08
CA THR C 182 -17.28 28.72 -19.94
C THR C 182 -16.43 29.82 -19.30
N THR C 183 -15.68 29.48 -18.25
CA THR C 183 -14.87 30.46 -17.54
C THR C 183 -13.61 29.77 -17.02
N THR C 184 -12.49 30.45 -17.14
CA THR C 184 -11.20 29.95 -16.65
C THR C 184 -10.74 30.82 -15.49
N PHE C 185 -10.33 30.19 -14.40
CA PHE C 185 -9.85 30.87 -13.21
C PHE C 185 -8.34 30.73 -13.15
N THR C 186 -7.63 31.86 -13.25
CA THR C 186 -6.18 31.87 -13.31
C THR C 186 -5.62 32.75 -12.21
N GLY C 187 -4.41 32.44 -11.78
CA GLY C 187 -3.75 33.20 -10.73
C GLY C 187 -2.92 32.35 -9.79
N HIS C 188 -3.26 31.08 -9.66
CA HIS C 188 -2.46 30.18 -8.82
C HIS C 188 -1.08 29.97 -9.43
N THR C 189 -0.08 29.83 -8.56
CA THR C 189 1.29 29.65 -8.99
C THR C 189 1.69 28.19 -9.12
N GLY C 190 1.19 27.31 -8.26
CA GLY C 190 1.54 25.90 -8.29
C GLY C 190 0.33 25.05 -8.63
N ASP C 191 0.55 23.74 -8.59
CA ASP C 191 -0.51 22.79 -8.93
C ASP C 191 -1.67 22.93 -7.96
N VAL C 192 -2.87 23.04 -8.51
CA VAL C 192 -4.08 23.10 -7.68
C VAL C 192 -4.46 21.69 -7.28
N MET C 193 -4.65 21.47 -5.97
CA MET C 193 -4.83 20.12 -5.46
C MET C 193 -6.28 19.80 -5.11
N SER C 194 -7.07 20.77 -4.70
CA SER C 194 -8.43 20.49 -4.28
C SER C 194 -9.28 21.74 -4.42
N LEU C 195 -10.59 21.54 -4.43
CA LEU C 195 -11.55 22.64 -4.43
C LEU C 195 -12.81 22.17 -3.73
N SER C 196 -13.66 23.13 -3.37
CA SER C 196 -14.93 22.82 -2.73
C SER C 196 -15.93 23.92 -3.02
N LEU C 197 -17.08 23.53 -3.57
CA LEU C 197 -18.15 24.46 -3.88
C LEU C 197 -18.84 24.93 -2.61
N ALA C 198 -19.31 26.17 -2.65
CA ALA C 198 -20.05 26.71 -1.53
C ALA C 198 -21.41 26.02 -1.41
N PRO C 199 -21.98 25.98 -0.20
CA PRO C 199 -23.30 25.33 -0.03
C PRO C 199 -24.39 25.95 -0.89
N ASP C 200 -24.33 27.24 -1.15
CA ASP C 200 -25.33 27.90 -1.98
C ASP C 200 -24.97 27.89 -3.46
N THR C 201 -23.84 27.29 -3.84
CA THR C 201 -23.39 27.20 -5.23
C THR C 201 -23.27 28.59 -5.85
N ARG C 202 -22.45 29.42 -5.20
CA ARG C 202 -22.13 30.75 -5.71
C ARG C 202 -20.65 31.07 -5.71
N LEU C 203 -19.84 30.40 -4.90
CA LEU C 203 -18.40 30.61 -4.86
C LEU C 203 -17.73 29.27 -4.67
N PHE C 204 -16.44 29.20 -4.98
CA PHE C 204 -15.65 28.04 -4.63
C PHE C 204 -14.24 28.47 -4.28
N VAL C 205 -13.58 27.66 -3.47
CA VAL C 205 -12.24 27.93 -2.97
C VAL C 205 -11.32 26.84 -3.49
N SER C 206 -10.06 27.20 -3.76
CA SER C 206 -9.08 26.29 -4.34
C SER C 206 -7.79 26.33 -3.53
N GLY C 207 -7.27 25.16 -3.18
CA GLY C 207 -6.00 25.06 -2.50
C GLY C 207 -4.93 24.46 -3.39
N ALA C 208 -3.89 25.23 -3.69
CA ALA C 208 -2.86 24.81 -4.62
C ALA C 208 -1.57 24.46 -3.87
N CYS C 209 -0.53 24.12 -4.64
CA CYS C 209 0.77 23.77 -4.09
C CYS C 209 1.64 24.99 -3.81
N ASP C 210 1.17 26.19 -4.12
CA ASP C 210 1.90 27.42 -3.81
C ASP C 210 1.73 27.86 -2.37
N ALA C 211 1.25 26.98 -1.48
CA ALA C 211 1.02 27.28 -0.07
C ALA C 211 0.06 28.45 0.10
N SER C 212 -0.94 28.54 -0.77
CA SER C 212 -1.94 29.59 -0.71
C SER C 212 -3.28 29.07 -1.21
N ALA C 213 -4.35 29.69 -0.72
CA ALA C 213 -5.71 29.37 -1.14
C ALA C 213 -6.40 30.63 -1.64
N LYS C 214 -7.22 30.47 -2.67
CA LYS C 214 -7.90 31.59 -3.30
C LYS C 214 -9.39 31.31 -3.39
N LEU C 215 -10.18 32.37 -3.27
CA LEU C 215 -11.63 32.30 -3.34
C LEU C 215 -12.10 32.82 -4.69
N TRP C 216 -12.89 32.00 -5.39
CA TRP C 216 -13.34 32.30 -6.74
C TRP C 216 -14.86 32.41 -6.77
N ASP C 217 -15.37 33.23 -7.67
CA ASP C 217 -16.80 33.33 -7.92
C ASP C 217 -17.09 32.80 -9.32
N VAL C 218 -18.01 31.84 -9.41
CA VAL C 218 -18.28 31.20 -10.69
C VAL C 218 -18.98 32.17 -11.65
N ARG C 219 -19.85 33.03 -11.13
CA ARG C 219 -20.64 33.90 -11.99
C ARG C 219 -19.77 34.91 -12.73
N GLU C 220 -18.81 35.51 -12.02
CA GLU C 220 -17.95 36.53 -12.63
C GLU C 220 -16.65 35.92 -13.16
N GLY C 221 -15.86 35.29 -12.29
CA GLY C 221 -14.67 34.60 -12.73
C GLY C 221 -13.35 35.25 -12.40
N MET C 222 -13.23 35.82 -11.20
CA MET C 222 -11.97 36.40 -10.74
C MET C 222 -11.72 36.00 -9.29
N CYS C 223 -10.45 36.06 -8.89
CA CYS C 223 -10.07 35.72 -7.53
C CYS C 223 -10.60 36.77 -6.57
N ARG C 224 -11.61 36.40 -5.77
CA ARG C 224 -12.17 37.36 -4.82
C ARG C 224 -11.19 37.66 -3.70
N GLN C 225 -10.62 36.63 -3.08
CA GLN C 225 -9.72 36.79 -1.96
C GLN C 225 -8.56 35.81 -2.08
N THR C 226 -7.44 36.16 -1.46
CA THR C 226 -6.27 35.29 -1.41
C THR C 226 -5.88 35.06 0.04
N PHE C 227 -5.62 33.80 0.38
CA PHE C 227 -5.30 33.39 1.74
C PHE C 227 -3.96 32.69 1.76
N THR C 228 -3.14 33.02 2.76
CA THR C 228 -1.82 32.45 2.92
C THR C 228 -1.61 32.07 4.38
N GLY C 229 -0.47 31.45 4.67
CA GLY C 229 -0.15 31.03 6.01
C GLY C 229 0.50 29.66 6.05
N HIS C 230 0.14 28.80 5.10
CA HIS C 230 0.76 27.49 5.01
C HIS C 230 2.18 27.62 4.47
N GLU C 231 3.01 26.62 4.79
CA GLU C 231 4.42 26.64 4.40
C GLU C 231 4.78 25.46 3.50
N SER C 232 3.79 24.83 2.88
CA SER C 232 4.03 23.70 1.97
C SER C 232 2.77 23.54 1.11
N ASP C 233 2.75 22.48 0.31
CA ASP C 233 1.63 22.24 -0.59
C ASP C 233 0.36 21.95 0.18
N ILE C 234 -0.74 22.59 -0.23
CA ILE C 234 -2.06 22.35 0.35
C ILE C 234 -2.69 21.21 -0.42
N ASN C 235 -2.99 20.12 0.27
CA ASN C 235 -3.46 18.91 -0.40
C ASN C 235 -4.97 18.77 -0.42
N ALA C 236 -5.67 19.35 0.56
CA ALA C 236 -7.11 19.22 0.64
C ALA C 236 -7.71 20.51 1.15
N ILE C 237 -9.00 20.70 0.87
CA ILE C 237 -9.70 21.92 1.25
C ILE C 237 -11.20 21.64 1.18
N CYS C 238 -11.95 22.26 2.07
CA CYS C 238 -13.40 22.10 2.10
C CYS C 238 -14.03 23.29 2.82
N PHE C 239 -15.29 23.55 2.48
CA PHE C 239 -16.02 24.67 3.05
C PHE C 239 -16.67 24.29 4.38
N PHE C 240 -16.86 25.31 5.22
CA PHE C 240 -17.69 25.14 6.40
C PHE C 240 -19.15 24.97 5.99
N PRO C 241 -19.94 24.25 6.79
CA PRO C 241 -21.37 24.08 6.45
C PRO C 241 -22.11 25.40 6.29
N ASN C 242 -21.75 26.43 7.04
CA ASN C 242 -22.45 27.71 6.92
C ASN C 242 -22.03 28.44 5.66
N GLY C 243 -20.87 28.09 5.09
CA GLY C 243 -20.39 28.66 3.85
C GLY C 243 -19.50 29.87 3.99
N ASN C 244 -19.26 30.36 5.20
CA ASN C 244 -18.43 31.54 5.41
C ASN C 244 -17.04 31.21 5.93
N ALA C 245 -16.62 29.94 5.83
CA ALA C 245 -15.30 29.54 6.28
C ALA C 245 -14.89 28.28 5.54
N PHE C 246 -13.59 28.00 5.56
CA PHE C 246 -13.07 26.80 4.93
C PHE C 246 -11.80 26.37 5.66
N ALA C 247 -11.47 25.09 5.52
CA ALA C 247 -10.31 24.50 6.19
C ALA C 247 -9.35 23.94 5.15
N THR C 248 -8.06 24.18 5.37
CA THR C 248 -7.01 23.75 4.46
C THR C 248 -6.17 22.68 5.12
N GLY C 249 -6.03 21.53 4.45
CA GLY C 249 -5.14 20.49 4.92
C GLY C 249 -3.92 20.37 4.03
N SER C 250 -2.76 20.77 4.54
CA SER C 250 -1.57 20.89 3.72
C SER C 250 -0.52 19.85 4.11
N ASP C 251 0.60 19.88 3.39
CA ASP C 251 1.63 18.86 3.51
C ASP C 251 2.58 19.10 4.68
N ASP C 252 2.53 20.27 5.31
CA ASP C 252 3.40 20.53 6.46
C ASP C 252 2.86 19.94 7.75
N ALA C 253 1.94 18.97 7.68
CA ALA C 253 1.35 18.28 8.82
C ALA C 253 0.45 19.17 9.65
N THR C 254 -0.07 20.25 9.09
CA THR C 254 -0.94 21.16 9.80
C THR C 254 -2.23 21.39 9.02
N CYS C 255 -3.32 21.62 9.75
CA CYS C 255 -4.57 22.07 9.19
C CYS C 255 -4.87 23.46 9.74
N ARG C 256 -5.47 24.31 8.91
CA ARG C 256 -5.80 25.67 9.31
C ARG C 256 -7.21 26.01 8.88
N LEU C 257 -7.83 26.92 9.62
CA LEU C 257 -9.16 27.42 9.34
C LEU C 257 -9.07 28.87 8.89
N PHE C 258 -9.80 29.21 7.84
CA PHE C 258 -9.82 30.56 7.29
C PHE C 258 -11.26 31.06 7.23
N ASP C 259 -11.45 32.33 7.56
CA ASP C 259 -12.76 32.96 7.52
C ASP C 259 -12.75 34.03 6.42
N LEU C 260 -13.70 33.93 5.50
CA LEU C 260 -13.76 34.88 4.39
C LEU C 260 -14.02 36.30 4.88
N ARG C 261 -14.92 36.45 5.87
CA ARG C 261 -15.24 37.78 6.39
C ARG C 261 -14.04 38.40 7.08
N ALA C 262 -13.33 37.62 7.91
CA ALA C 262 -12.16 38.14 8.60
C ALA C 262 -10.97 38.25 7.65
N ASP C 263 -10.96 37.46 6.57
CA ASP C 263 -9.88 37.47 5.58
C ASP C 263 -8.52 37.18 6.24
N GLN C 264 -8.51 36.24 7.17
CA GLN C 264 -7.27 35.90 7.87
C GLN C 264 -7.39 34.49 8.45
N GLU C 265 -6.23 33.94 8.80
CA GLU C 265 -6.18 32.63 9.41
C GLU C 265 -6.84 32.64 10.79
N LEU C 266 -7.58 31.58 11.08
CA LEU C 266 -8.37 31.50 12.31
C LEU C 266 -7.78 30.57 13.36
N MET C 267 -7.52 29.31 13.00
CA MET C 267 -7.08 28.32 13.98
C MET C 267 -6.17 27.32 13.29
N THR C 268 -5.22 26.78 14.06
CA THR C 268 -4.28 25.78 13.57
C THR C 268 -4.58 24.44 14.21
N TYR C 269 -4.63 23.40 13.39
CA TYR C 269 -4.89 22.04 13.86
C TYR C 269 -3.62 21.22 13.60
N SER C 270 -2.71 21.25 14.56
CA SER C 270 -1.44 20.55 14.44
C SER C 270 -1.06 19.94 15.79
N HIS C 271 -0.14 18.98 15.74
CA HIS C 271 0.35 18.34 16.95
C HIS C 271 1.81 17.95 16.74
N ASP C 272 2.54 17.80 17.84
CA ASP C 272 3.96 17.47 17.75
C ASP C 272 4.17 16.06 17.22
N ASN C 273 3.33 15.12 17.63
CA ASN C 273 3.51 13.73 17.21
C ASN C 273 3.32 13.57 15.71
N ILE C 274 2.33 14.25 15.14
CA ILE C 274 2.06 14.11 13.70
C ILE C 274 3.06 14.93 12.91
N ILE C 275 3.74 14.28 11.98
CA ILE C 275 4.68 14.96 11.10
C ILE C 275 4.35 14.78 9.62
N CYS C 276 3.39 13.91 9.29
CA CYS C 276 3.01 13.69 7.90
C CYS C 276 1.90 14.64 7.49
N GLY C 277 1.81 14.88 6.18
CA GLY C 277 0.86 15.83 5.63
C GLY C 277 -0.56 15.30 5.62
N ILE C 278 -1.49 16.22 5.36
CA ILE C 278 -2.92 15.92 5.30
C ILE C 278 -3.26 15.47 3.89
N THR C 279 -4.08 14.43 3.77
CA THR C 279 -4.51 13.98 2.46
C THR C 279 -5.95 14.38 2.15
N SER C 280 -6.81 14.45 3.16
CA SER C 280 -8.21 14.81 2.96
C SER C 280 -8.69 15.58 4.17
N VAL C 281 -9.68 16.47 3.93
CA VAL C 281 -10.24 17.31 4.97
C VAL C 281 -11.74 17.43 4.73
N SER C 282 -12.52 17.30 5.80
CA SER C 282 -13.96 17.44 5.72
C SER C 282 -14.52 17.77 7.09
N PHE C 283 -15.63 18.50 7.10
CA PHE C 283 -16.34 18.86 8.33
C PHE C 283 -17.50 17.91 8.57
N SER C 284 -18.17 18.11 9.69
CA SER C 284 -19.35 17.34 10.04
C SER C 284 -20.62 18.10 9.64
N LYS C 285 -21.77 17.57 10.05
CA LYS C 285 -23.03 18.22 9.72
C LYS C 285 -23.13 19.60 10.33
N SER C 286 -22.72 19.75 11.59
CA SER C 286 -22.79 21.03 12.28
C SER C 286 -21.54 21.86 12.14
N GLY C 287 -20.46 21.31 11.58
CA GLY C 287 -19.20 22.01 11.49
C GLY C 287 -18.36 22.00 12.74
N ARG C 288 -18.90 21.53 13.86
CA ARG C 288 -18.17 21.45 15.11
C ARG C 288 -17.05 20.41 15.07
N LEU C 289 -17.09 19.49 14.11
CA LEU C 289 -16.13 18.39 14.05
C LEU C 289 -15.46 18.41 12.69
N LEU C 290 -14.12 18.43 12.69
CA LEU C 290 -13.33 18.48 11.47
C LEU C 290 -12.53 17.18 11.36
N LEU C 291 -12.87 16.36 10.38
CA LEU C 291 -12.12 15.14 10.14
C LEU C 291 -11.06 15.36 9.08
N ALA C 292 -9.92 14.68 9.23
CA ALA C 292 -8.79 14.88 8.33
C ALA C 292 -8.04 13.58 8.16
N GLY C 293 -7.70 13.25 6.92
CA GLY C 293 -6.87 12.09 6.64
C GLY C 293 -5.40 12.41 6.75
N TYR C 294 -4.60 11.36 6.95
CA TYR C 294 -3.18 11.56 7.20
C TYR C 294 -2.38 10.53 6.41
N ASP C 295 -1.12 10.89 6.13
CA ASP C 295 -0.20 9.98 5.45
C ASP C 295 0.20 8.81 6.33
N ASP C 296 -0.04 8.89 7.64
CA ASP C 296 0.43 7.91 8.61
C ASP C 296 -0.52 6.74 8.80
N PHE C 297 -1.37 6.43 7.81
CA PHE C 297 -2.26 5.28 7.74
C PHE C 297 -3.50 5.48 8.59
N ASN C 298 -3.65 6.60 9.29
CA ASN C 298 -4.76 6.83 10.19
C ASN C 298 -5.46 8.14 9.83
N CYS C 299 -6.72 8.24 10.22
CA CYS C 299 -7.53 9.44 10.04
C CYS C 299 -7.81 10.05 11.41
N ASN C 300 -7.44 11.31 11.58
CA ASN C 300 -7.63 12.00 12.85
C ASN C 300 -8.91 12.84 12.81
N VAL C 301 -9.53 12.99 13.99
CA VAL C 301 -10.75 13.76 14.14
C VAL C 301 -10.44 14.96 15.01
N TRP C 302 -10.68 16.15 14.47
CA TRP C 302 -10.37 17.40 15.15
C TRP C 302 -11.64 18.11 15.55
N ASP C 303 -11.61 18.76 16.71
CA ASP C 303 -12.68 19.64 17.16
C ASP C 303 -12.38 21.02 16.60
N ALA C 304 -13.14 21.43 15.58
CA ALA C 304 -12.78 22.60 14.78
C ALA C 304 -12.77 23.89 15.56
N LEU C 305 -13.38 23.92 16.75
CA LEU C 305 -13.42 25.13 17.55
C LEU C 305 -12.28 25.24 18.55
N LYS C 306 -11.82 24.12 19.11
CA LYS C 306 -10.82 24.13 20.16
C LYS C 306 -9.44 23.71 19.67
N ALA C 307 -9.36 23.12 18.48
CA ALA C 307 -8.10 22.63 17.91
C ALA C 307 -7.46 21.54 18.77
N ASP C 308 -8.28 20.76 19.46
CA ASP C 308 -7.81 19.61 20.23
C ASP C 308 -8.41 18.35 19.62
N ARG C 309 -7.57 17.35 19.41
CA ARG C 309 -8.03 16.11 18.79
C ARG C 309 -9.08 15.43 19.68
N ALA C 310 -10.03 14.74 19.03
CA ALA C 310 -11.13 14.10 19.73
C ALA C 310 -11.39 12.68 19.24
N GLY C 311 -10.48 12.13 18.46
CA GLY C 311 -10.64 10.76 17.99
C GLY C 311 -9.72 10.45 16.83
N VAL C 312 -9.49 9.15 16.64
CA VAL C 312 -8.65 8.66 15.54
C VAL C 312 -9.43 7.56 14.84
N LEU C 313 -9.50 7.64 13.52
CA LEU C 313 -10.18 6.61 12.71
C LEU C 313 -9.17 5.60 12.18
N ALA C 314 -8.54 4.89 13.11
CA ALA C 314 -7.58 3.85 12.75
C ALA C 314 -8.30 2.62 12.21
N GLY C 315 -7.61 1.88 11.35
CA GLY C 315 -8.20 0.70 10.74
C GLY C 315 -7.77 0.48 9.31
N HIS C 316 -7.08 1.46 8.73
CA HIS C 316 -6.53 1.36 7.39
C HIS C 316 -5.05 1.02 7.48
N ASP C 317 -4.64 -0.07 6.83
CA ASP C 317 -3.24 -0.48 6.81
C ASP C 317 -2.48 0.14 5.65
N ASN C 318 -2.95 1.25 5.10
CA ASN C 318 -2.22 2.03 4.11
C ASN C 318 -2.69 3.47 4.22
N ARG C 319 -2.24 4.31 3.29
CA ARG C 319 -2.53 5.73 3.37
C ARG C 319 -4.02 6.00 3.16
N VAL C 320 -4.58 6.88 3.99
CA VAL C 320 -5.96 7.33 3.84
C VAL C 320 -5.92 8.50 2.86
N SER C 321 -6.40 8.26 1.64
CA SER C 321 -6.29 9.24 0.57
C SER C 321 -7.54 10.09 0.38
N CYS C 322 -8.67 9.70 0.97
CA CYS C 322 -9.91 10.45 0.78
C CYS C 322 -10.86 10.13 1.91
N LEU C 323 -11.78 11.06 2.16
CA LEU C 323 -12.84 10.87 3.14
C LEU C 323 -13.94 11.89 2.90
N GLY C 324 -15.16 11.50 3.21
CA GLY C 324 -16.30 12.38 3.03
C GLY C 324 -17.37 12.12 4.07
N VAL C 325 -18.22 13.12 4.26
CA VAL C 325 -19.30 13.08 5.24
C VAL C 325 -20.62 13.26 4.50
N THR C 326 -21.59 12.42 4.83
CA THR C 326 -22.89 12.46 4.15
C THR C 326 -23.57 13.81 4.35
N ASP C 327 -24.56 14.07 3.49
CA ASP C 327 -25.28 15.35 3.56
C ASP C 327 -26.03 15.48 4.88
N ASP C 328 -26.62 14.38 5.35
CA ASP C 328 -27.24 14.37 6.68
C ASP C 328 -26.22 14.19 7.79
N GLY C 329 -24.96 13.93 7.45
CA GLY C 329 -23.94 13.77 8.46
C GLY C 329 -24.02 12.49 9.26
N MET C 330 -24.67 11.46 8.71
CA MET C 330 -24.89 10.21 9.42
C MET C 330 -23.81 9.17 9.19
N ALA C 331 -22.85 9.44 8.30
CA ALA C 331 -21.79 8.47 8.05
C ALA C 331 -20.55 9.19 7.56
N VAL C 332 -19.40 8.54 7.74
CA VAL C 332 -18.12 9.01 7.23
C VAL C 332 -17.46 7.85 6.50
N ALA C 333 -17.22 8.02 5.21
CA ALA C 333 -16.54 7.00 4.41
C ALA C 333 -15.13 7.46 4.12
N THR C 334 -14.16 6.59 4.41
CA THR C 334 -12.75 6.91 4.22
C THR C 334 -12.12 5.85 3.34
N GLY C 335 -11.98 6.15 2.05
CA GLY C 335 -11.19 5.31 1.18
C GLY C 335 -9.70 5.43 1.49
N SER C 336 -8.96 4.40 1.10
CA SER C 336 -7.54 4.38 1.43
C SER C 336 -6.78 3.61 0.35
N TRP C 337 -5.45 3.60 0.49
CA TRP C 337 -4.58 3.00 -0.50
C TRP C 337 -4.61 1.47 -0.47
N ASP C 338 -5.29 0.87 0.51
CA ASP C 338 -5.42 -0.58 0.58
C ASP C 338 -6.58 -1.11 -0.25
N SER C 339 -7.21 -0.26 -1.07
CA SER C 339 -8.34 -0.64 -1.92
C SER C 339 -9.57 -1.01 -1.09
N PHE C 340 -9.72 -0.38 0.08
CA PHE C 340 -10.83 -0.64 0.98
C PHE C 340 -11.51 0.68 1.34
N LEU C 341 -12.84 0.67 1.35
CA LEU C 341 -13.62 1.77 1.91
C LEU C 341 -14.21 1.33 3.24
N LYS C 342 -14.33 2.27 4.18
CA LYS C 342 -14.86 1.99 5.50
C LYS C 342 -15.88 3.05 5.86
N ILE C 343 -17.07 2.61 6.28
CA ILE C 343 -18.12 3.50 6.75
C ILE C 343 -18.02 3.60 8.26
N TRP C 344 -17.93 4.82 8.78
CA TRP C 344 -17.80 5.06 10.20
C TRP C 344 -19.03 5.79 10.72
N ASN C 345 -19.51 5.37 11.88
CA ASN C 345 -20.71 5.96 12.46
C ASN C 345 -20.72 5.79 13.98
N ALA D 6 4.83 41.68 -22.27
CA ALA D 6 5.24 40.40 -21.71
C ALA D 6 4.87 40.34 -20.22
N SER D 7 5.90 40.48 -19.36
CA SER D 7 5.66 40.42 -17.92
C SER D 7 4.95 41.66 -17.40
N ILE D 8 4.95 42.77 -18.17
CA ILE D 8 4.28 43.98 -17.73
C ILE D 8 2.78 43.76 -17.62
N ALA D 9 2.19 43.05 -18.60
CA ALA D 9 0.76 42.78 -18.55
C ALA D 9 0.39 41.92 -17.36
N GLN D 10 1.19 40.88 -17.08
CA GLN D 10 0.92 40.03 -15.92
C GLN D 10 1.08 40.80 -14.62
N ALA D 11 2.08 41.68 -14.55
CA ALA D 11 2.25 42.52 -13.37
C ALA D 11 1.05 43.44 -13.17
N ARG D 12 0.56 44.05 -14.25
CA ARG D 12 -0.61 44.91 -14.14
C ARG D 12 -1.83 44.11 -13.69
N LYS D 13 -2.00 42.90 -14.22
CA LYS D 13 -3.13 42.06 -13.81
C LYS D 13 -3.06 41.71 -12.34
N LEU D 14 -1.88 41.32 -11.85
CA LEU D 14 -1.75 40.96 -10.45
C LEU D 14 -1.95 42.19 -9.54
N VAL D 15 -1.44 43.35 -9.97
CA VAL D 15 -1.62 44.56 -9.18
C VAL D 15 -3.09 44.94 -9.09
N GLU D 16 -3.80 44.88 -10.22
CA GLU D 16 -5.24 45.15 -10.20
C GLU D 16 -5.98 44.15 -9.32
N GLN D 17 -5.60 42.87 -9.40
CA GLN D 17 -6.22 41.84 -8.58
C GLN D 17 -6.04 42.14 -7.10
N LEU D 18 -4.80 42.43 -6.68
CA LEU D 18 -4.55 42.72 -5.28
C LEU D 18 -5.24 44.01 -4.85
N LYS D 19 -5.38 44.97 -5.78
CA LYS D 19 -6.08 46.21 -5.46
C LYS D 19 -7.55 45.97 -5.20
N MET D 20 -8.21 45.16 -6.03
CA MET D 20 -9.62 44.88 -5.75
C MET D 20 -9.79 43.93 -4.57
N GLU D 21 -8.74 43.18 -4.22
CA GLU D 21 -8.76 42.41 -2.98
C GLU D 21 -8.65 43.31 -1.75
N ALA D 22 -7.91 44.41 -1.87
CA ALA D 22 -7.67 45.26 -0.71
C ALA D 22 -8.94 45.97 -0.25
N ASN D 23 -9.72 46.50 -1.19
CA ASN D 23 -10.90 47.30 -0.84
C ASN D 23 -12.15 46.42 -0.75
N ILE D 24 -12.09 45.47 0.19
CA ILE D 24 -13.22 44.60 0.51
C ILE D 24 -13.58 44.82 1.96
N ASP D 25 -14.88 44.78 2.26
CA ASP D 25 -15.32 44.95 3.64
C ASP D 25 -14.85 43.78 4.49
N ARG D 26 -14.15 44.10 5.58
CA ARG D 26 -13.57 43.11 6.46
C ARG D 26 -14.25 43.16 7.81
N ILE D 27 -14.57 41.98 8.35
CA ILE D 27 -15.35 41.84 9.57
C ILE D 27 -14.41 41.51 10.73
N LYS D 28 -14.66 42.14 11.87
CA LYS D 28 -13.85 41.89 13.06
C LYS D 28 -13.92 40.41 13.43
N VAL D 29 -12.75 39.84 13.78
CA VAL D 29 -12.65 38.42 14.05
C VAL D 29 -13.43 38.02 15.30
N SER D 30 -13.69 38.96 16.20
CA SER D 30 -14.43 38.62 17.42
C SER D 30 -15.84 38.15 17.09
N LYS D 31 -16.59 38.95 16.33
CA LYS D 31 -17.93 38.53 15.93
C LYS D 31 -17.89 37.40 14.90
N ALA D 32 -16.77 37.25 14.19
CA ALA D 32 -16.61 36.08 13.32
C ALA D 32 -16.60 34.79 14.13
N ALA D 33 -15.78 34.75 15.18
CA ALA D 33 -15.80 33.60 16.07
C ALA D 33 -17.15 33.46 16.75
N ALA D 34 -17.78 34.60 17.09
CA ALA D 34 -19.08 34.56 17.75
C ALA D 34 -20.13 33.88 16.88
N ASP D 35 -20.20 34.25 15.59
CA ASP D 35 -21.21 33.64 14.74
C ASP D 35 -20.82 32.23 14.31
N LEU D 36 -19.52 31.91 14.30
CA LEU D 36 -19.13 30.51 14.15
C LEU D 36 -19.68 29.65 15.29
N MET D 37 -19.53 30.14 16.53
CA MET D 37 -20.10 29.42 17.67
C MET D 37 -21.63 29.37 17.57
N ALA D 38 -22.25 30.47 17.14
CA ALA D 38 -23.69 30.49 16.99
C ALA D 38 -24.15 29.41 16.01
N TYR D 39 -23.46 29.29 14.87
CA TYR D 39 -23.83 28.29 13.89
C TYR D 39 -23.63 26.87 14.42
N CYS D 40 -22.48 26.63 15.09
CA CYS D 40 -22.21 25.27 15.53
C CYS D 40 -23.17 24.84 16.65
N GLU D 41 -23.56 25.78 17.52
CA GLU D 41 -24.53 25.46 18.56
C GLU D 41 -25.94 25.37 18.00
N ALA D 42 -26.23 26.07 16.91
CA ALA D 42 -27.55 25.99 16.30
C ALA D 42 -27.82 24.60 15.77
N HIS D 43 -26.81 23.96 15.19
CA HIS D 43 -26.94 22.63 14.60
C HIS D 43 -26.33 21.54 15.47
N ALA D 44 -26.22 21.79 16.79
CA ALA D 44 -25.51 20.86 17.66
C ALA D 44 -26.16 19.49 17.71
N LYS D 45 -27.50 19.45 17.79
CA LYS D 45 -28.19 18.17 17.90
C LYS D 45 -28.56 17.58 16.55
N GLU D 46 -28.29 18.28 15.45
CA GLU D 46 -28.47 17.72 14.12
C GLU D 46 -27.25 16.94 13.64
N ASP D 47 -26.21 16.80 14.47
CA ASP D 47 -24.97 16.14 14.09
C ASP D 47 -24.89 14.78 14.75
N PRO D 48 -25.30 13.70 14.09
CA PRO D 48 -25.18 12.37 14.71
C PRO D 48 -23.74 11.95 14.96
N LEU D 49 -22.78 12.48 14.19
CA LEU D 49 -21.38 12.20 14.47
C LEU D 49 -20.96 12.79 15.80
N LEU D 50 -21.38 14.02 16.09
CA LEU D 50 -21.06 14.64 17.38
C LEU D 50 -21.88 14.01 18.51
N THR D 51 -23.18 13.82 18.28
CA THR D 51 -24.10 13.23 19.27
C THR D 51 -24.70 11.97 18.65
N PRO D 52 -24.17 10.79 18.97
CA PRO D 52 -24.68 9.56 18.37
C PRO D 52 -26.15 9.35 18.68
N VAL D 53 -26.88 8.83 17.69
CA VAL D 53 -28.31 8.55 17.83
C VAL D 53 -28.49 7.07 18.13
N PRO D 54 -29.62 6.67 18.71
CA PRO D 54 -29.84 5.23 18.96
C PRO D 54 -29.85 4.43 17.66
N ALA D 55 -29.42 3.18 17.77
CA ALA D 55 -29.26 2.33 16.60
C ALA D 55 -30.57 1.89 15.97
N SER D 56 -31.72 2.20 16.60
CA SER D 56 -33.00 1.79 16.03
C SER D 56 -33.23 2.42 14.67
N GLU D 57 -32.95 3.71 14.53
CA GLU D 57 -33.09 4.42 13.26
C GLU D 57 -31.77 4.56 12.51
N ASN D 58 -30.67 4.06 13.07
CA ASN D 58 -29.38 4.13 12.40
C ASN D 58 -29.35 3.12 11.26
N PRO D 59 -29.13 3.54 10.01
CA PRO D 59 -29.08 2.59 8.90
C PRO D 59 -27.75 1.87 8.73
N PHE D 60 -26.87 1.93 9.73
CA PHE D 60 -25.54 1.32 9.66
C PHE D 60 -25.32 0.41 10.87
N ARG D 61 -26.25 -0.52 11.09
CA ARG D 61 -26.16 -1.47 12.20
C ARG D 61 -24.86 -2.26 12.17
#